data_6T7D
#
_entry.id   6T7D
#
_cell.length_a   1.00
_cell.length_b   1.00
_cell.length_c   1.00
_cell.angle_alpha   90.00
_cell.angle_beta   90.00
_cell.angle_gamma   90.00
#
_symmetry.space_group_name_H-M   'P 1'
#
loop_
_entity.id
_entity.type
_entity.pdbx_description
1 polymer 'Histone H3.2'
2 polymer 'Histone H4'
3 polymer 'Histone H2A type 1-B/E'
4 polymer 'Histone H2B type 1-K'
5 polymer 'DNA (151-MER)'
6 polymer 'DNA (151-MER)'
7 polymer 'Transcription factor SOX-11'
#
loop_
_entity_poly.entity_id
_entity_poly.type
_entity_poly.pdbx_seq_one_letter_code
_entity_poly.pdbx_strand_id
1 'polypeptide(L)'
;MARTKQTARKSTGGKAPRKQLATKAARKSAPATGGVKKPHRYRPGTVALREIRRYQKSTELLIRKLPFQRLVREIAQDFK
TDLRFQSSAVMALQEASEAYLVGLFEDTNLAAIHAKRVTIMPKDIQLARRIRGERA
;
A,E
2 'polypeptide(L)'
;MSGRGKGGKGLGKGGAKRHRKVLRDNIQGITKPAIRRLARRGGVKRISGLIYEETRGVLKVFLENVIRDAVTYTEHAKRK
TVTAMDVVYALKRQGRTLYGFGG
;
B,F
3 'polypeptide(L)'
;MGSSHHHHHHENLYFQSNAPWMSGRGKQGGKARAKAKTRSSRAGLQFPVGRVHRLLRKGNYSERVGAGAPVYLAAVLEYL
TAEILELAGNAARDNKKTRIIPRHLQLAIRNDEELNKLLGRVTIAQGGVLPNIQAVLLPKKTESHHKAKGK
;
C,G
4 'polypeptide(L)'
;MPEPAKSAPAPKKGSKKAVTKAQKKDGKKRKRSRKESYSVYVYKVLKQVHPDTGISSKAMGIMNSFVNDIFERIAGEASR
LAHYNKRSTITSREIQTAVRLLLPGELAKHAVSEGTKAVTKYTSAK
;
D,H
5 'polydeoxyribonucleotide'
;(DA)(DT)(DC)(DC)(DC)(DT)(DA)(DC)(DA)(DC)(DG)(DA)(DC)(DG)(DC)(DT)(DC)(DT)(DT)(DC)
(DC)(DG)(DA)(DT)(DC)(DT)(DA)(DA)(DT)(DT)(DT)(DA)(DT)(DG)(DT)(DT)(DT)(DG)(DT)(DT)
(DA)(DG)(DC)(DG)(DT)(DT)(DA)(DT)(DA)(DC)(DT)(DA)(DT)(DT)(DC)(DT)(DA)(DA)(DT)(DT)
(DC)(DT)(DT)(DT)(DG)(DT)(DT)(DT)(DC)(DG)(DG)(DT)(DG)(DG)(DT)(DA)(DT)(DT)(DG)(DT)
(DT)(DT)(DA)(DT)(DT)(DT)(DT)(DG)(DT)(DT)(DC)(DC)(DT)(DT)(DT)(DG)(DT)(DG)(DC)(DG)
(DT)(DT)(DC)(DA)(DG)(DC)(DT)(DT)(DA)(DA)(DT)(DG)(DC)(DC)(DT)(DA)(DA)(DC)(DG)(DA)
(DC)(DA)(DC)(DT)(DC)(DG)(DG)(DA)(DG)(DA)(DT)(DC)(DG)(DG)(DA)(DA)(DG)(DA)(DG)(DC)
(DA)(DC)(DA)(DC)(DG)(DT)(DC)(DT)(DG)(DA)(DT)
;
I
6 'polydeoxyribonucleotide'
;(DA)(DT)(DC)(DA)(DG)(DA)(DC)(DG)(DT)(DG)(DT)(DG)(DC)(DT)(DC)(DT)(DT)(DC)(DC)(DG)
(DA)(DT)(DC)(DT)(DC)(DC)(DG)(DA)(DG)(DT)(DG)(DT)(DC)(DG)(DT)(DT)(DA)(DG)(DG)(DC)
(DA)(DT)(DT)(DA)(DA)(DG)(DC)(DT)(DG)(DA)(DA)(DC)(DG)(DC)(DA)(DC)(DA)(DA)(DA)(DG)
(DG)(DA)(DA)(DC)(DA)(DA)(DA)(DA)(DT)(DA)(DA)(DA)(DC)(DA)(DA)(DT)(DA)(DC)(DC)(DA)
(DC)(DC)(DG)(DA)(DA)(DA)(DC)(DA)(DA)(DA)(DG)(DA)(DA)(DT)(DT)(DA)(DG)(DA)(DA)(DT)
(DA)(DG)(DT)(DA)(DT)(DA)(DA)(DC)(DG)(DC)(DT)(DA)(DA)(DC)(DA)(DA)(DA)(DC)(DA)(DT)
(DA)(DA)(DA)(DT)(DT)(DA)(DG)(DA)(DT)(DC)(DG)(DG)(DA)(DA)(DG)(DA)(DG)(DC)(DG)(DT)
(DC)(DG)(DT)(DG)(DT)(DA)(DG)(DG)(DG)(DA)(DT)
;
J
7 'polypeptide(L)'
;SNAALDESDPDWCKTASGHIKRPMNAFMVWSKIERRKIMEQSPDMHNAEISKRLGKRWKMLKDSEKIPFIREAERLRLKH
MADYPDYKYRPRKKPKMDPSAKPSASQSP
;
K
#
loop_
_chem_comp.id
_chem_comp.type
_chem_comp.name
_chem_comp.formula
DA DNA linking 2'-DEOXYADENOSINE-5'-MONOPHOSPHATE 'C10 H14 N5 O6 P'
DC DNA linking 2'-DEOXYCYTIDINE-5'-MONOPHOSPHATE 'C9 H14 N3 O7 P'
DG DNA linking 2'-DEOXYGUANOSINE-5'-MONOPHOSPHATE 'C10 H14 N5 O7 P'
DT DNA linking THYMIDINE-5'-MONOPHOSPHATE 'C10 H15 N2 O8 P'
#
# COMPACT_ATOMS: atom_id res chain seq x y z
N LYS A 38 31.24 -46.48 25.93
CA LYS A 38 31.06 -45.16 25.35
C LYS A 38 30.22 -45.23 24.08
N PRO A 39 29.03 -44.60 24.11
CA PRO A 39 28.20 -44.56 22.91
C PRO A 39 28.73 -43.57 21.90
N HIS A 40 28.41 -43.82 20.63
CA HIS A 40 28.87 -42.95 19.56
C HIS A 40 27.94 -41.74 19.44
N ARG A 41 28.53 -40.56 19.45
CA ARG A 41 27.82 -39.32 19.22
C ARG A 41 28.26 -38.75 17.88
N TYR A 42 27.29 -38.29 17.08
CA TYR A 42 27.62 -37.68 15.80
C TYR A 42 28.21 -36.29 16.03
N ARG A 43 28.86 -35.79 14.98
CA ARG A 43 29.36 -34.41 15.02
C ARG A 43 28.19 -33.44 15.01
N PRO A 44 28.28 -32.30 15.74
CA PRO A 44 27.11 -31.42 15.89
C PRO A 44 26.74 -30.71 14.60
N GLY A 45 25.56 -31.03 14.07
CA GLY A 45 25.10 -30.45 12.83
C GLY A 45 24.45 -31.44 11.90
N THR A 46 24.94 -32.68 11.92
CA THR A 46 24.32 -33.73 11.11
C THR A 46 22.94 -34.09 11.65
N VAL A 47 22.84 -34.22 12.97
CA VAL A 47 21.54 -34.37 13.63
C VAL A 47 20.68 -33.14 13.39
N ALA A 48 21.32 -31.97 13.42
CA ALA A 48 20.63 -30.70 13.18
C ALA A 48 20.08 -30.65 11.77
N LEU A 49 20.90 -30.99 10.77
CA LEU A 49 20.46 -30.94 9.38
C LEU A 49 19.39 -32.00 9.09
N ARG A 50 19.50 -33.16 9.75
CA ARG A 50 18.49 -34.20 9.61
C ARG A 50 17.14 -33.72 10.15
N GLU A 51 17.14 -33.07 11.31
CA GLU A 51 15.87 -32.57 11.81
C GLU A 51 15.40 -31.31 11.07
N ILE A 52 16.31 -30.58 10.41
CA ILE A 52 15.88 -29.52 9.49
C ILE A 52 15.05 -30.10 8.37
N ARG A 53 15.59 -31.13 7.70
CA ARG A 53 14.86 -31.72 6.59
C ARG A 53 13.58 -32.42 7.05
N ARG A 54 13.59 -33.00 8.24
CA ARG A 54 12.39 -33.66 8.74
C ARG A 54 11.30 -32.66 9.10
N TYR A 55 11.67 -31.59 9.82
CA TYR A 55 10.64 -30.67 10.31
C TYR A 55 10.18 -29.69 9.25
N GLN A 56 11.04 -29.28 8.33
CA GLN A 56 10.55 -28.53 7.19
C GLN A 56 9.81 -29.44 6.20
N LYS A 57 10.07 -30.75 6.25
CA LYS A 57 9.30 -31.69 5.47
C LYS A 57 7.93 -31.99 6.07
N SER A 58 7.74 -31.71 7.35
CA SER A 58 6.53 -32.06 8.10
C SER A 58 5.36 -31.13 7.73
N THR A 59 4.18 -31.47 8.27
CA THR A 59 2.95 -30.73 8.02
C THR A 59 2.14 -30.45 9.27
N GLU A 60 2.47 -31.08 10.39
CA GLU A 60 1.72 -31.01 11.62
C GLU A 60 2.08 -29.76 12.42
N LEU A 61 1.25 -29.46 13.42
CA LEU A 61 1.44 -28.28 14.24
C LEU A 61 2.54 -28.51 15.26
N LEU A 62 3.34 -27.47 15.48
CA LEU A 62 4.47 -27.67 16.38
C LEU A 62 4.12 -27.33 17.82
N ILE A 63 3.45 -26.20 18.03
CA ILE A 63 3.18 -25.74 19.37
C ILE A 63 2.07 -26.58 19.98
N ARG A 64 2.28 -27.04 21.20
CA ARG A 64 1.35 -27.95 21.86
C ARG A 64 0.04 -27.23 22.17
N LYS A 65 -1.08 -27.94 21.97
CA LYS A 65 -2.37 -27.28 21.87
C LYS A 65 -2.87 -26.75 23.20
N LEU A 66 -2.64 -27.47 24.28
CA LEU A 66 -3.17 -27.03 25.57
C LEU A 66 -2.43 -25.81 26.15
N PRO A 67 -1.10 -25.70 26.14
CA PRO A 67 -0.50 -24.43 26.59
C PRO A 67 -0.79 -23.28 25.66
N PHE A 68 -0.94 -23.55 24.35
CA PHE A 68 -1.36 -22.50 23.43
C PHE A 68 -2.76 -22.01 23.77
N GLN A 69 -3.66 -22.93 24.09
CA GLN A 69 -5.01 -22.58 24.50
C GLN A 69 -5.00 -21.78 25.79
N ARG A 70 -4.13 -22.15 26.72
CA ARG A 70 -4.03 -21.44 27.99
C ARG A 70 -3.49 -20.03 27.79
N LEU A 71 -2.51 -19.88 26.90
CA LEU A 71 -1.95 -18.55 26.63
C LEU A 71 -2.96 -17.66 25.92
N VAL A 72 -3.72 -18.23 24.98
CA VAL A 72 -4.75 -17.47 24.28
C VAL A 72 -5.84 -17.01 25.23
N ARG A 73 -6.26 -17.89 26.15
CA ARG A 73 -7.29 -17.48 27.10
C ARG A 73 -6.76 -16.47 28.12
N GLU A 74 -5.52 -16.65 28.59
CA GLU A 74 -4.99 -15.77 29.62
C GLU A 74 -4.65 -14.39 29.08
N ILE A 75 -4.38 -14.27 27.78
CA ILE A 75 -4.18 -12.94 27.21
C ILE A 75 -5.51 -12.38 26.67
N ALA A 76 -6.50 -13.24 26.41
CA ALA A 76 -7.79 -12.76 25.96
C ALA A 76 -8.59 -12.18 27.09
N GLN A 77 -8.36 -12.62 28.32
CA GLN A 77 -9.16 -12.13 29.43
C GLN A 77 -8.86 -10.69 29.83
N ASP A 78 -7.87 -10.05 29.22
CA ASP A 78 -7.48 -8.70 29.58
C ASP A 78 -8.20 -7.62 28.79
N PHE A 79 -9.12 -7.99 27.89
CA PHE A 79 -9.89 -7.00 27.15
C PHE A 79 -11.37 -7.07 27.47
N LYS A 80 -11.98 -8.24 27.32
CA LYS A 80 -13.34 -8.49 27.79
C LYS A 80 -13.34 -9.90 28.36
N THR A 81 -13.54 -10.02 29.67
CA THR A 81 -13.39 -11.31 30.32
C THR A 81 -14.60 -12.20 30.02
N ASP A 82 -14.48 -13.46 30.45
CA ASP A 82 -15.44 -14.54 30.22
C ASP A 82 -15.71 -14.72 28.73
N LEU A 83 -14.65 -15.09 28.01
CA LEU A 83 -14.71 -15.33 26.59
C LEU A 83 -14.42 -16.80 26.32
N ARG A 84 -15.27 -17.42 25.51
CA ARG A 84 -15.07 -18.79 25.07
C ARG A 84 -14.67 -18.81 23.61
N PHE A 85 -13.96 -19.86 23.21
CA PHE A 85 -13.55 -20.04 21.83
C PHE A 85 -14.02 -21.40 21.35
N GLN A 86 -14.06 -21.54 20.02
CA GLN A 86 -14.30 -22.83 19.43
C GLN A 86 -12.99 -23.60 19.32
N SER A 87 -13.07 -24.79 18.73
CA SER A 87 -11.86 -25.43 18.25
C SER A 87 -11.31 -24.68 17.04
N SER A 88 -12.20 -24.16 16.21
CA SER A 88 -11.82 -23.59 14.93
C SER A 88 -11.07 -22.28 15.10
N ALA A 89 -11.50 -21.45 16.05
CA ALA A 89 -10.84 -20.17 16.27
C ALA A 89 -9.44 -20.36 16.82
N VAL A 90 -9.26 -21.26 17.77
CA VAL A 90 -7.94 -21.46 18.34
C VAL A 90 -7.05 -22.22 17.37
N MET A 91 -7.63 -23.02 16.48
CA MET A 91 -6.85 -23.69 15.45
C MET A 91 -6.35 -22.70 14.41
N ALA A 92 -7.21 -21.78 13.98
CA ALA A 92 -6.78 -20.73 13.07
C ALA A 92 -5.76 -19.81 13.72
N LEU A 93 -5.89 -19.58 15.03
CA LEU A 93 -4.91 -18.77 15.74
C LEU A 93 -3.57 -19.47 15.81
N GLN A 94 -3.59 -20.79 15.99
CA GLN A 94 -2.38 -21.60 15.96
C GLN A 94 -1.71 -21.51 14.59
N GLU A 95 -2.51 -21.55 13.53
CA GLU A 95 -1.94 -21.44 12.19
C GLU A 95 -1.35 -20.06 11.91
N ALA A 96 -2.01 -19.02 12.42
CA ALA A 96 -1.51 -17.66 12.21
C ALA A 96 -0.20 -17.47 12.95
N SER A 97 -0.15 -17.94 14.20
CA SER A 97 1.07 -17.86 14.99
C SER A 97 2.20 -18.66 14.35
N GLU A 98 1.88 -19.83 13.79
CA GLU A 98 2.86 -20.64 13.09
C GLU A 98 3.44 -19.91 11.89
N ALA A 99 2.57 -19.32 11.07
CA ALA A 99 3.04 -18.65 9.86
C ALA A 99 3.89 -17.43 10.19
N TYR A 100 3.45 -16.66 11.19
CA TYR A 100 4.20 -15.48 11.57
C TYR A 100 5.55 -15.83 12.17
N LEU A 101 5.61 -16.88 12.99
CA LEU A 101 6.89 -17.25 13.60
C LEU A 101 7.85 -17.85 12.58
N VAL A 102 7.35 -18.63 11.63
CA VAL A 102 8.28 -19.22 10.67
C VAL A 102 8.78 -18.15 9.70
N GLY A 103 7.95 -17.16 9.37
CA GLY A 103 8.44 -16.06 8.57
C GLY A 103 9.45 -15.21 9.31
N LEU A 104 9.19 -14.98 10.60
CA LEU A 104 10.11 -14.20 11.43
C LEU A 104 11.46 -14.90 11.57
N PHE A 105 11.44 -16.23 11.71
CA PHE A 105 12.71 -16.92 11.89
C PHE A 105 13.44 -17.14 10.58
N GLU A 106 12.73 -17.30 9.46
CA GLU A 106 13.41 -17.32 8.17
C GLU A 106 14.07 -15.99 7.87
N ASP A 107 13.39 -14.89 8.18
CA ASP A 107 14.00 -13.58 7.98
C ASP A 107 15.12 -13.32 8.98
N THR A 108 15.02 -13.88 10.18
CA THR A 108 16.09 -13.73 11.15
C THR A 108 17.33 -14.52 10.73
N ASN A 109 17.13 -15.69 10.14
CA ASN A 109 18.25 -16.45 9.62
C ASN A 109 18.87 -15.76 8.41
N LEU A 110 18.04 -15.13 7.58
CA LEU A 110 18.57 -14.33 6.49
C LEU A 110 19.30 -13.09 6.99
N ALA A 111 18.94 -12.61 8.17
CA ALA A 111 19.72 -11.53 8.78
C ALA A 111 21.05 -12.06 9.29
N ALA A 112 21.03 -13.20 9.97
CA ALA A 112 22.22 -13.72 10.64
C ALA A 112 23.24 -14.28 9.67
N ILE A 113 22.81 -14.72 8.49
CA ILE A 113 23.78 -15.16 7.49
C ILE A 113 24.57 -13.99 6.95
N HIS A 114 23.98 -12.78 6.98
CA HIS A 114 24.63 -11.60 6.43
C HIS A 114 25.82 -11.18 7.29
N ALA A 115 25.77 -11.46 8.58
CA ALA A 115 26.85 -11.12 9.50
C ALA A 115 27.97 -12.14 9.53
N LYS A 116 28.03 -13.03 8.52
CA LYS A 116 28.92 -14.19 8.47
C LYS A 116 28.80 -15.04 9.74
N ARG A 117 27.56 -15.23 10.18
CA ARG A 117 27.28 -15.97 11.40
C ARG A 117 26.26 -17.06 11.09
N VAL A 118 26.20 -18.05 11.96
CA VAL A 118 25.33 -19.21 11.77
C VAL A 118 24.23 -19.28 12.83
N THR A 119 24.52 -18.89 14.07
CA THR A 119 23.50 -18.85 15.10
C THR A 119 22.63 -17.61 14.93
N ILE A 120 21.69 -17.42 15.86
CA ILE A 120 20.87 -16.22 15.87
C ILE A 120 21.06 -15.51 17.20
N MET A 121 20.83 -14.20 17.18
CA MET A 121 21.06 -13.30 18.30
C MET A 121 19.85 -12.40 18.46
N PRO A 122 19.66 -11.78 19.64
CA PRO A 122 18.56 -10.82 19.79
C PRO A 122 18.68 -9.60 18.89
N LYS A 123 19.90 -9.19 18.55
CA LYS A 123 20.09 -8.09 17.62
C LYS A 123 19.60 -8.46 16.23
N ASP A 124 19.67 -9.74 15.87
CA ASP A 124 19.11 -10.19 14.60
C ASP A 124 17.60 -10.04 14.56
N ILE A 125 16.92 -10.40 15.65
CA ILE A 125 15.48 -10.28 15.71
C ILE A 125 15.07 -8.81 15.73
N GLN A 126 15.87 -7.97 16.39
CA GLN A 126 15.58 -6.54 16.41
C GLN A 126 15.78 -5.91 15.04
N LEU A 127 16.80 -6.36 14.31
CA LEU A 127 16.98 -5.92 12.94
C LEU A 127 15.83 -6.36 12.05
N ALA A 128 15.34 -7.58 12.25
CA ALA A 128 14.25 -8.11 11.44
C ALA A 128 12.97 -7.31 11.67
N ARG A 129 12.63 -7.06 12.93
CA ARG A 129 11.44 -6.26 13.22
C ARG A 129 11.63 -4.78 12.94
N ARG A 130 12.87 -4.33 12.73
CA ARG A 130 13.05 -2.96 12.24
C ARG A 130 12.85 -2.88 10.73
N ILE A 131 13.33 -3.88 9.99
CA ILE A 131 13.17 -3.82 8.53
C ILE A 131 11.73 -4.13 8.15
N ARG A 132 11.03 -4.92 8.95
CA ARG A 132 9.61 -5.18 8.70
C ARG A 132 8.78 -3.92 8.81
N GLY A 133 9.14 -3.03 9.74
CA GLY A 133 8.45 -1.77 9.89
C GLY A 133 7.63 -1.65 11.15
N GLU A 134 7.67 -2.64 12.04
CA GLU A 134 6.93 -2.53 13.29
C GLU A 134 7.79 -1.98 14.43
N ARG A 135 8.98 -2.53 14.61
CA ARG A 135 9.89 -2.06 15.65
C ARG A 135 11.29 -1.87 15.11
N HIS B 19 -14.48 -23.09 35.71
CA HIS B 19 -14.72 -21.69 35.42
C HIS B 19 -14.37 -20.80 36.61
N ARG B 20 -13.98 -21.43 37.72
CA ARG B 20 -13.64 -20.72 38.95
C ARG B 20 -12.13 -20.52 39.07
N LYS B 21 -11.54 -19.87 38.06
CA LYS B 21 -10.10 -19.67 38.04
C LYS B 21 -9.77 -18.47 37.15
N VAL B 22 -8.70 -17.77 37.52
CA VAL B 22 -8.13 -16.69 36.72
C VAL B 22 -6.75 -17.14 36.24
N LEU B 23 -6.65 -17.41 34.93
CA LEU B 23 -5.43 -17.96 34.35
C LEU B 23 -4.30 -16.94 34.34
N ARG B 24 -3.19 -17.30 34.98
CA ARG B 24 -2.00 -16.45 35.09
C ARG B 24 -0.79 -17.37 35.02
N ASP B 25 0.33 -16.79 34.56
CA ASP B 25 1.65 -17.42 34.47
C ASP B 25 1.61 -18.67 33.59
N ASN B 26 1.25 -18.46 32.33
CA ASN B 26 1.33 -19.48 31.29
C ASN B 26 2.17 -19.01 30.11
N ILE B 27 2.91 -17.91 30.27
CA ILE B 27 3.73 -17.36 29.20
C ILE B 27 4.84 -18.33 28.85
N GLN B 28 5.43 -18.95 29.87
CA GLN B 28 6.35 -20.06 29.67
C GLN B 28 5.63 -21.38 29.47
N GLY B 29 4.32 -21.34 29.18
CA GLY B 29 3.62 -22.55 28.79
C GLY B 29 4.15 -23.12 27.50
N ILE B 30 4.51 -22.26 26.55
CA ILE B 30 5.33 -22.72 25.44
C ILE B 30 6.73 -22.99 25.98
N THR B 31 7.33 -24.06 25.49
CA THR B 31 8.59 -24.53 26.05
C THR B 31 9.76 -24.22 25.13
N LYS B 32 10.94 -24.21 25.75
CA LYS B 32 12.19 -24.00 25.03
C LYS B 32 12.46 -24.97 23.87
N PRO B 33 12.29 -26.30 24.00
CA PRO B 33 12.46 -27.14 22.79
C PRO B 33 11.36 -26.95 21.75
N ALA B 34 10.19 -26.43 22.12
CA ALA B 34 9.18 -26.15 21.10
C ALA B 34 9.61 -24.97 20.24
N ILE B 35 10.17 -23.93 20.85
CA ILE B 35 10.74 -22.83 20.08
C ILE B 35 11.94 -23.31 19.28
N ARG B 36 12.69 -24.27 19.83
CA ARG B 36 13.79 -24.86 19.07
C ARG B 36 13.28 -25.60 17.84
N ARG B 37 12.17 -26.33 17.98
CA ARG B 37 11.56 -27.00 16.85
C ARG B 37 10.99 -26.00 15.85
N LEU B 38 10.48 -24.87 16.35
CA LEU B 38 10.03 -23.79 15.48
C LEU B 38 11.17 -23.27 14.63
N ALA B 39 12.32 -23.04 15.25
CA ALA B 39 13.48 -22.59 14.48
C ALA B 39 14.01 -23.66 13.55
N ARG B 40 13.84 -24.93 13.93
CA ARG B 40 14.20 -26.02 13.02
C ARG B 40 13.30 -26.05 11.81
N ARG B 41 12.03 -25.66 11.95
CA ARG B 41 11.22 -25.44 10.76
C ARG B 41 11.69 -24.21 10.00
N GLY B 42 12.15 -23.19 10.72
CA GLY B 42 12.55 -21.95 10.10
C GLY B 42 13.91 -21.96 9.42
N GLY B 43 14.52 -23.12 9.24
CA GLY B 43 15.81 -23.23 8.59
C GLY B 43 16.97 -22.73 9.40
N VAL B 44 16.78 -22.48 10.68
CA VAL B 44 17.81 -21.91 11.55
C VAL B 44 18.66 -23.06 12.06
N LYS B 45 19.97 -22.87 12.14
CA LYS B 45 20.86 -23.93 12.59
C LYS B 45 21.12 -23.91 14.09
N ARG B 46 21.71 -22.84 14.60
CA ARG B 46 22.18 -22.80 15.97
C ARG B 46 21.41 -21.75 16.75
N ILE B 47 21.14 -22.02 18.03
CA ILE B 47 20.28 -21.18 18.85
C ILE B 47 21.09 -20.70 20.05
N SER B 48 21.09 -19.39 20.28
CA SER B 48 21.69 -18.89 21.51
C SER B 48 20.68 -18.98 22.63
N GLY B 49 21.16 -18.84 23.86
CA GLY B 49 20.30 -18.95 25.01
C GLY B 49 19.45 -17.74 25.34
N LEU B 50 19.49 -16.70 24.51
CA LEU B 50 18.72 -15.49 24.74
C LEU B 50 17.50 -15.37 23.82
N ILE B 51 17.36 -16.26 22.85
CA ILE B 51 16.30 -16.14 21.84
C ILE B 51 14.93 -16.41 22.44
N TYR B 52 14.87 -17.19 23.53
CA TYR B 52 13.60 -17.71 23.99
C TYR B 52 12.73 -16.63 24.62
N GLU B 53 13.32 -15.78 25.46
CA GLU B 53 12.56 -14.69 26.07
C GLU B 53 12.08 -13.69 25.04
N GLU B 54 12.92 -13.38 24.05
CA GLU B 54 12.53 -12.45 23.00
C GLU B 54 11.46 -13.04 22.10
N THR B 55 11.52 -14.34 21.85
CA THR B 55 10.50 -15.00 21.06
C THR B 55 9.18 -15.01 21.80
N ARG B 56 9.22 -15.21 23.12
CA ARG B 56 8.02 -15.16 23.93
C ARG B 56 7.40 -13.77 23.92
N GLY B 57 8.24 -12.73 24.01
CA GLY B 57 7.73 -11.36 23.93
C GLY B 57 7.12 -11.01 22.58
N VAL B 58 7.77 -11.44 21.50
CA VAL B 58 7.28 -11.13 20.15
C VAL B 58 5.97 -11.86 19.88
N LEU B 59 5.91 -13.14 20.25
CA LEU B 59 4.68 -13.91 20.10
C LEU B 59 3.56 -13.34 20.97
N LYS B 60 3.89 -12.89 22.18
CA LYS B 60 2.88 -12.36 23.08
C LYS B 60 2.29 -11.06 22.54
N VAL B 61 3.12 -10.17 21.98
CA VAL B 61 2.54 -8.92 21.48
C VAL B 61 1.78 -9.16 20.17
N PHE B 62 2.20 -10.14 19.36
CA PHE B 62 1.46 -10.41 18.13
C PHE B 62 0.10 -11.01 18.43
N LEU B 63 0.07 -12.01 19.31
CA LEU B 63 -1.20 -12.60 19.71
C LEU B 63 -2.05 -11.61 20.47
N GLU B 64 -1.43 -10.67 21.20
CA GLU B 64 -2.19 -9.62 21.86
C GLU B 64 -2.93 -8.75 20.86
N ASN B 65 -2.24 -8.39 19.77
CA ASN B 65 -2.87 -7.53 18.76
C ASN B 65 -4.03 -8.25 18.07
N VAL B 66 -3.80 -9.49 17.61
CA VAL B 66 -4.88 -10.17 16.87
C VAL B 66 -6.04 -10.52 17.78
N ILE B 67 -5.77 -10.88 19.04
CA ILE B 67 -6.85 -11.23 19.95
C ILE B 67 -7.64 -10.00 20.35
N ARG B 68 -6.98 -8.85 20.53
CA ARG B 68 -7.70 -7.62 20.83
C ARG B 68 -8.62 -7.23 19.68
N ASP B 69 -8.17 -7.46 18.44
CA ASP B 69 -9.02 -7.22 17.28
C ASP B 69 -10.23 -8.16 17.29
N ALA B 70 -10.03 -9.42 17.64
CA ALA B 70 -11.15 -10.35 17.67
C ALA B 70 -12.10 -10.06 18.82
N VAL B 71 -11.58 -9.53 19.94
CA VAL B 71 -12.45 -9.16 21.06
C VAL B 71 -13.37 -8.02 20.67
N THR B 72 -12.83 -6.98 20.02
CA THR B 72 -13.71 -5.87 19.67
C THR B 72 -14.65 -6.23 18.51
N TYR B 73 -14.21 -7.16 17.64
CA TYR B 73 -15.12 -7.79 16.69
C TYR B 73 -16.32 -8.43 17.37
N THR B 74 -16.07 -9.29 18.35
CA THR B 74 -17.15 -10.00 19.01
C THR B 74 -18.01 -9.08 19.84
N GLU B 75 -17.41 -8.04 20.42
CA GLU B 75 -18.17 -7.08 21.19
C GLU B 75 -19.06 -6.22 20.32
N HIS B 76 -18.74 -6.07 19.04
CA HIS B 76 -19.67 -5.36 18.17
C HIS B 76 -20.91 -6.19 17.87
N ALA B 77 -20.72 -7.47 17.55
CA ALA B 77 -21.81 -8.29 17.02
C ALA B 77 -22.69 -8.89 18.11
N LYS B 78 -22.59 -8.40 19.35
CA LYS B 78 -23.43 -8.81 20.48
C LYS B 78 -23.32 -10.31 20.79
N ARG B 79 -22.09 -10.79 20.88
CA ARG B 79 -21.83 -12.17 21.26
C ARG B 79 -21.18 -12.21 22.64
N LYS B 80 -21.04 -13.42 23.16
CA LYS B 80 -20.27 -13.65 24.38
C LYS B 80 -19.11 -14.60 24.15
N THR B 81 -18.97 -15.15 22.96
CA THR B 81 -17.86 -16.03 22.60
C THR B 81 -17.18 -15.50 21.35
N VAL B 82 -16.00 -16.04 21.07
CA VAL B 82 -15.22 -15.69 19.90
C VAL B 82 -15.19 -16.88 18.96
N THR B 83 -15.48 -16.64 17.69
CA THR B 83 -15.50 -17.68 16.68
C THR B 83 -14.36 -17.45 15.69
N ALA B 84 -14.27 -18.35 14.71
CA ALA B 84 -13.10 -18.41 13.87
C ALA B 84 -13.08 -17.29 12.83
N MET B 85 -14.25 -16.95 12.29
CA MET B 85 -14.33 -16.03 11.17
C MET B 85 -13.93 -14.61 11.58
N ASP B 86 -14.11 -14.27 12.85
CA ASP B 86 -13.63 -12.99 13.33
C ASP B 86 -12.11 -12.96 13.42
N VAL B 87 -11.49 -14.11 13.72
CA VAL B 87 -10.04 -14.17 13.66
C VAL B 87 -9.56 -14.07 12.21
N VAL B 88 -10.34 -14.63 11.28
CA VAL B 88 -10.04 -14.45 9.86
C VAL B 88 -10.13 -12.98 9.47
N TYR B 89 -11.11 -12.26 10.01
CA TYR B 89 -11.23 -10.85 9.66
C TYR B 89 -10.13 -10.02 10.29
N ALA B 90 -9.66 -10.44 11.48
CA ALA B 90 -8.55 -9.75 12.11
C ALA B 90 -7.27 -9.94 11.31
N LEU B 91 -7.04 -11.16 10.83
CA LEU B 91 -5.85 -11.39 10.03
C LEU B 91 -5.98 -10.80 8.63
N LYS B 92 -7.21 -10.60 8.16
CA LYS B 92 -7.41 -9.93 6.89
C LYS B 92 -7.15 -8.43 7.02
N ARG B 93 -7.55 -7.85 8.15
CA ARG B 93 -7.32 -6.43 8.34
C ARG B 93 -5.86 -6.12 8.61
N GLN B 94 -5.12 -7.08 9.15
CA GLN B 94 -3.70 -6.89 9.40
C GLN B 94 -2.84 -7.33 8.22
N GLY B 95 -3.46 -7.70 7.10
CA GLY B 95 -2.70 -8.06 5.92
C GLY B 95 -2.02 -9.40 6.01
N ARG B 96 -2.52 -10.28 6.87
CA ARG B 96 -1.94 -11.60 7.10
C ARG B 96 -3.00 -12.67 6.88
N THR B 97 -3.67 -12.60 5.74
CA THR B 97 -4.87 -13.38 5.48
C THR B 97 -4.56 -14.87 5.37
N LEU B 98 -5.31 -15.67 6.12
CA LEU B 98 -5.15 -17.12 6.14
C LEU B 98 -6.33 -17.77 5.43
N TYR B 99 -6.22 -19.07 5.20
CA TYR B 99 -7.18 -19.82 4.40
C TYR B 99 -7.69 -21.01 5.19
N GLY B 100 -8.65 -21.71 4.59
CA GLY B 100 -9.17 -22.92 5.20
C GLY B 100 -10.12 -22.71 6.34
N PHE B 101 -10.73 -21.53 6.48
CA PHE B 101 -11.67 -21.33 7.57
C PHE B 101 -12.90 -20.55 7.13
N GLY B 102 -13.26 -20.64 5.86
CA GLY B 102 -14.38 -19.86 5.34
C GLY B 102 -13.93 -18.49 4.89
N LYS C 31 -45.36 28.02 1.25
CA LYS C 31 -45.51 28.01 2.71
C LYS C 31 -44.26 28.51 3.43
N ALA C 32 -44.36 28.62 4.75
CA ALA C 32 -43.31 29.17 5.61
C ALA C 32 -42.66 28.09 6.48
N ARG C 33 -41.40 27.77 6.19
CA ARG C 33 -40.66 26.79 6.96
C ARG C 33 -40.10 27.46 8.22
N ALA C 34 -39.50 26.67 9.10
CA ALA C 34 -38.85 27.25 10.26
C ALA C 34 -37.46 27.79 9.87
N LYS C 35 -36.74 28.31 10.87
CA LYS C 35 -35.40 28.85 10.62
C LYS C 35 -34.44 27.68 10.38
N ALA C 36 -33.65 27.79 9.31
CA ALA C 36 -32.73 26.73 8.92
C ALA C 36 -31.54 26.56 9.86
N LYS C 37 -31.67 25.64 10.82
CA LYS C 37 -30.61 25.30 11.76
C LYS C 37 -29.86 24.10 11.19
N THR C 38 -28.55 24.25 11.02
CA THR C 38 -27.80 23.13 10.51
C THR C 38 -27.42 22.18 11.64
N ARG C 39 -27.12 20.94 11.27
CA ARG C 39 -26.75 19.94 12.27
C ARG C 39 -25.36 20.18 12.83
N SER C 40 -24.51 20.92 12.11
CA SER C 40 -23.24 21.33 12.69
C SER C 40 -23.46 22.30 13.84
N SER C 41 -24.46 23.18 13.72
CA SER C 41 -24.86 24.02 14.85
C SER C 41 -25.54 23.20 15.94
N ARG C 42 -26.14 22.06 15.59
CA ARG C 42 -26.78 21.21 16.57
C ARG C 42 -25.80 20.37 17.38
N ALA C 43 -24.52 20.44 17.07
CA ALA C 43 -23.52 19.64 17.78
C ALA C 43 -22.36 20.45 18.32
N GLY C 44 -22.38 21.77 18.17
CA GLY C 44 -21.20 22.57 18.46
C GLY C 44 -20.05 22.23 17.54
N LEU C 45 -20.36 21.97 16.27
CA LEU C 45 -19.47 21.27 15.37
C LEU C 45 -19.06 22.21 14.25
N GLN C 46 -17.81 22.04 13.78
CA GLN C 46 -17.28 22.84 12.67
C GLN C 46 -17.14 22.04 11.38
N PHE C 47 -17.77 20.88 11.29
CA PHE C 47 -17.71 20.15 10.04
C PHE C 47 -19.11 20.04 9.42
N PRO C 48 -19.22 20.06 8.10
CA PRO C 48 -20.53 20.00 7.46
C PRO C 48 -21.15 18.62 7.58
N VAL C 49 -22.29 18.56 8.28
CA VAL C 49 -22.95 17.29 8.52
C VAL C 49 -23.64 16.81 7.25
N GLY C 50 -24.31 17.72 6.53
CA GLY C 50 -25.01 17.32 5.32
C GLY C 50 -24.08 16.86 4.22
N ARG C 51 -22.88 17.43 4.16
CA ARG C 51 -21.90 17.02 3.14
C ARG C 51 -21.45 15.59 3.36
N VAL C 52 -21.12 15.24 4.60
CA VAL C 52 -20.70 13.86 4.85
C VAL C 52 -21.90 12.92 4.89
N HIS C 53 -23.10 13.44 5.13
CA HIS C 53 -24.30 12.62 5.06
C HIS C 53 -24.56 12.16 3.64
N ARG C 54 -24.53 13.09 2.68
CA ARG C 54 -24.67 12.68 1.28
C ARG C 54 -23.42 11.95 0.80
N LEU C 55 -22.26 12.25 1.38
CA LEU C 55 -21.03 11.59 0.99
C LEU C 55 -21.01 10.14 1.43
N LEU C 56 -21.70 9.82 2.52
CA LEU C 56 -21.92 8.43 2.84
C LEU C 56 -23.04 7.87 1.98
N ARG C 57 -24.04 8.69 1.66
CA ARG C 57 -25.21 8.23 0.92
C ARG C 57 -24.84 7.87 -0.51
N LYS C 58 -24.09 8.73 -1.19
CA LYS C 58 -23.58 8.37 -2.50
C LYS C 58 -22.27 7.60 -2.43
N GLY C 59 -21.70 7.44 -1.23
CA GLY C 59 -20.44 6.75 -1.08
C GLY C 59 -20.51 5.25 -1.21
N ASN C 60 -21.73 4.71 -1.30
CA ASN C 60 -21.99 3.33 -1.71
C ASN C 60 -21.43 2.33 -0.70
N TYR C 61 -21.60 2.64 0.57
CA TYR C 61 -21.12 1.79 1.67
C TYR C 61 -22.23 0.96 2.29
N SER C 62 -23.42 1.53 2.45
CA SER C 62 -24.63 0.76 2.75
C SER C 62 -25.83 1.50 2.21
N GLU C 63 -27.00 0.87 2.32
CA GLU C 63 -28.21 1.43 1.75
C GLU C 63 -28.74 2.59 2.59
N ARG C 64 -29.05 2.33 3.85
CA ARG C 64 -29.47 3.37 4.77
C ARG C 64 -28.28 3.80 5.61
N VAL C 65 -28.37 5.01 6.17
CA VAL C 65 -27.32 5.58 7.01
C VAL C 65 -27.97 6.11 8.28
N GLY C 66 -27.37 5.81 9.44
CA GLY C 66 -27.90 6.27 10.70
C GLY C 66 -27.74 7.77 10.87
N ALA C 67 -28.54 8.33 11.78
CA ALA C 67 -28.59 9.77 11.93
C ALA C 67 -27.34 10.32 12.61
N GLY C 68 -26.89 9.66 13.67
CA GLY C 68 -25.72 10.12 14.40
C GLY C 68 -24.39 9.62 13.90
N ALA C 69 -24.38 8.86 12.82
CA ALA C 69 -23.12 8.32 12.32
C ALA C 69 -22.30 9.39 11.58
N PRO C 70 -22.88 10.28 10.75
CA PRO C 70 -22.08 11.42 10.31
C PRO C 70 -21.70 12.36 11.44
N VAL C 71 -22.50 12.45 12.50
CA VAL C 71 -22.10 13.23 13.68
C VAL C 71 -20.83 12.65 14.29
N TYR C 72 -20.79 11.33 14.43
CA TYR C 72 -19.63 10.64 14.99
C TYR C 72 -18.42 10.80 14.08
N LEU C 73 -18.66 10.70 12.78
CA LEU C 73 -17.62 10.82 11.76
C LEU C 73 -17.01 12.22 11.78
N ALA C 74 -17.85 13.24 11.79
CA ALA C 74 -17.35 14.62 11.80
C ALA C 74 -16.62 14.93 13.11
N ALA C 75 -17.07 14.34 14.21
CA ALA C 75 -16.38 14.52 15.49
C ALA C 75 -14.97 13.95 15.44
N VAL C 76 -14.84 12.71 14.96
CA VAL C 76 -13.50 12.10 15.01
C VAL C 76 -12.58 12.72 13.97
N LEU C 77 -13.12 13.18 12.83
CA LEU C 77 -12.27 13.86 11.85
C LEU C 77 -11.83 15.23 12.36
N GLU C 78 -12.73 15.95 13.04
CA GLU C 78 -12.35 17.24 13.63
C GLU C 78 -11.28 17.08 14.67
N TYR C 79 -11.40 16.06 15.52
CA TYR C 79 -10.35 15.84 16.52
C TYR C 79 -9.04 15.38 15.92
N LEU C 80 -9.10 14.59 14.84
CA LEU C 80 -7.89 14.07 14.24
C LEU C 80 -7.09 15.22 13.65
N THR C 81 -7.74 16.02 12.82
CA THR C 81 -7.02 17.16 12.29
C THR C 81 -6.78 18.27 13.31
N ALA C 82 -7.67 18.42 14.29
CA ALA C 82 -7.46 19.45 15.29
C ALA C 82 -6.17 19.13 16.03
N GLU C 83 -5.98 17.86 16.35
CA GLU C 83 -4.78 17.39 17.02
C GLU C 83 -3.56 17.57 16.12
N ILE C 84 -3.71 17.30 14.83
CA ILE C 84 -2.60 17.45 13.91
C ILE C 84 -2.18 18.92 13.90
N LEU C 85 -3.17 19.80 13.90
CA LEU C 85 -2.93 21.25 13.91
C LEU C 85 -2.24 21.73 15.17
N GLU C 86 -2.62 21.17 16.31
CA GLU C 86 -2.05 21.58 17.60
C GLU C 86 -0.55 21.30 17.69
N LEU C 87 -0.13 20.14 17.19
CA LEU C 87 1.29 19.78 17.21
C LEU C 87 2.05 20.40 16.05
N ALA C 88 1.39 20.58 14.91
CA ALA C 88 2.01 21.22 13.75
C ALA C 88 2.32 22.69 14.04
N GLY C 89 1.37 23.40 14.64
CA GLY C 89 1.60 24.79 14.98
C GLY C 89 2.61 24.95 16.09
N ASN C 90 2.68 23.99 17.01
CA ASN C 90 3.74 24.04 18.01
C ASN C 90 5.10 23.80 17.39
N ALA C 91 5.17 22.95 16.35
CA ALA C 91 6.42 22.76 15.64
C ALA C 91 6.79 23.98 14.80
N ALA C 92 5.77 24.65 14.24
CA ALA C 92 6.03 25.80 13.37
C ALA C 92 6.43 27.03 14.17
N ARG C 93 5.75 27.27 15.29
CA ARG C 93 6.18 28.31 16.22
C ARG C 93 7.50 27.95 16.87
N ASP C 94 7.78 26.65 17.00
CA ASP C 94 9.04 26.20 17.56
C ASP C 94 10.22 26.51 16.64
N ASN C 95 9.95 26.66 15.34
CA ASN C 95 10.93 27.17 14.39
C ASN C 95 10.66 28.62 14.02
N LYS C 96 9.86 29.32 14.83
CA LYS C 96 9.70 30.77 14.83
C LYS C 96 9.11 31.30 13.53
N LYS C 97 8.26 30.50 12.89
CA LYS C 97 7.56 30.91 11.68
C LYS C 97 6.06 30.73 11.88
N THR C 98 5.28 31.64 11.32
CA THR C 98 3.83 31.65 11.53
C THR C 98 3.08 31.05 10.35
N ARG C 99 3.77 30.56 9.34
CA ARG C 99 3.18 29.81 8.25
C ARG C 99 3.43 28.32 8.45
N ILE C 100 2.42 27.51 8.18
CA ILE C 100 2.55 26.07 8.36
C ILE C 100 3.25 25.49 7.13
N ILE C 101 4.34 24.78 7.36
CA ILE C 101 5.19 24.23 6.31
C ILE C 101 5.02 22.72 6.36
N PRO C 102 5.01 22.02 5.22
CA PRO C 102 4.98 20.55 5.25
C PRO C 102 6.18 19.91 5.94
N ARG C 103 7.30 20.64 6.09
CA ARG C 103 8.37 20.17 6.95
C ARG C 103 7.89 20.07 8.40
N HIS C 104 7.14 21.07 8.88
CA HIS C 104 6.58 21.01 10.22
C HIS C 104 5.59 19.86 10.36
N LEU C 105 4.85 19.58 9.28
CA LEU C 105 3.94 18.45 9.28
C LEU C 105 4.70 17.13 9.41
N GLN C 106 5.83 17.02 8.68
CA GLN C 106 6.64 15.81 8.74
C GLN C 106 7.20 15.58 10.15
N LEU C 107 7.74 16.64 10.78
CA LEU C 107 8.24 16.44 12.15
C LEU C 107 7.10 16.18 13.13
N ALA C 108 5.91 16.73 12.89
CA ALA C 108 4.80 16.47 13.79
C ALA C 108 4.33 15.02 13.68
N ILE C 109 4.23 14.48 12.47
CA ILE C 109 3.74 13.11 12.34
C ILE C 109 4.82 12.05 12.51
N ARG C 110 6.10 12.42 12.47
CA ARG C 110 7.17 11.46 12.70
C ARG C 110 7.76 11.53 14.09
N ASN C 111 7.69 12.67 14.76
CA ASN C 111 8.26 12.80 16.09
C ASN C 111 7.37 12.12 17.12
N ASP C 112 6.06 12.37 17.05
CA ASP C 112 5.14 11.72 17.98
C ASP C 112 4.86 10.30 17.49
N GLU C 113 5.04 9.32 18.37
CA GLU C 113 4.83 7.92 18.01
C GLU C 113 3.42 7.39 18.21
N GLU C 114 2.56 8.18 18.86
CA GLU C 114 1.19 7.76 19.12
C GLU C 114 0.37 7.56 17.85
N LEU C 115 0.58 8.46 16.89
CA LEU C 115 -0.13 8.45 15.62
C LEU C 115 0.75 8.08 14.43
N ASN C 116 2.06 7.92 14.65
CA ASN C 116 2.96 7.50 13.58
C ASN C 116 2.60 6.09 13.09
N LYS C 117 2.11 5.24 14.00
CA LYS C 117 1.68 3.91 13.62
C LYS C 117 0.47 3.93 12.67
N LEU C 118 -0.36 4.97 12.75
CA LEU C 118 -1.39 5.11 11.72
C LEU C 118 -0.78 5.53 10.39
N LEU C 119 0.31 6.29 10.42
CA LEU C 119 0.85 6.90 9.22
C LEU C 119 2.22 6.33 8.89
N GLY C 120 2.35 5.01 8.97
CA GLY C 120 3.61 4.37 8.63
C GLY C 120 3.86 4.34 7.14
N ARG C 121 2.84 3.96 6.36
CA ARG C 121 3.00 3.76 4.93
C ARG C 121 2.68 5.01 4.13
N VAL C 122 2.53 6.16 4.77
CA VAL C 122 2.14 7.39 4.11
C VAL C 122 3.27 8.40 4.29
N THR C 123 3.72 8.98 3.18
CA THR C 123 4.81 9.93 3.19
C THR C 123 4.35 11.29 2.71
N ILE C 124 4.77 12.32 3.42
CA ILE C 124 4.41 13.70 3.10
C ILE C 124 5.25 14.20 1.94
N ALA C 125 4.58 14.70 0.91
CA ALA C 125 5.30 15.36 -0.19
C ALA C 125 5.91 16.66 0.30
N GLN C 126 7.16 16.91 -0.12
CA GLN C 126 7.94 18.11 0.21
C GLN C 126 8.08 18.27 1.72
N GLY C 127 8.24 17.16 2.42
CA GLY C 127 8.33 17.18 3.87
C GLY C 127 9.67 16.72 4.40
N GLY C 128 10.48 16.10 3.55
CA GLY C 128 11.79 15.63 3.94
C GLY C 128 11.77 14.46 4.92
N VAL C 129 12.94 14.22 5.51
CA VAL C 129 13.12 13.16 6.48
C VAL C 129 13.52 13.79 7.80
N LEU C 130 12.93 13.31 8.89
CA LEU C 130 13.23 13.86 10.21
C LEU C 130 14.71 13.63 10.51
N PRO C 131 15.35 14.63 11.14
CA PRO C 131 16.78 14.47 11.40
C PRO C 131 17.04 13.28 12.31
N ASN C 132 18.06 12.51 11.96
CA ASN C 132 18.42 11.32 12.73
C ASN C 132 19.78 10.85 12.25
N ILE C 133 20.70 10.69 13.20
CA ILE C 133 22.07 10.30 12.91
C ILE C 133 22.38 9.06 13.72
N GLN C 134 23.22 8.19 13.15
CA GLN C 134 23.58 6.95 13.81
C GLN C 134 24.54 7.27 14.94
N ALA C 135 24.35 6.61 16.08
CA ALA C 135 25.15 6.95 17.25
C ALA C 135 26.60 6.49 17.11
N VAL C 136 26.86 5.53 16.23
CA VAL C 136 28.23 5.07 16.07
C VAL C 136 29.02 5.97 15.11
N LEU C 137 28.35 6.67 14.20
CA LEU C 137 29.03 7.46 13.20
C LEU C 137 29.51 8.83 13.68
N LEU C 138 29.33 9.16 14.96
CA LEU C 138 30.12 10.24 15.53
C LEU C 138 31.59 9.84 15.56
N PRO C 139 32.51 10.76 15.31
CA PRO C 139 33.94 10.43 15.40
C PRO C 139 34.38 10.22 16.84
N LYS C 140 35.52 9.57 16.98
CA LYS C 140 36.08 9.23 18.28
C LYS C 140 36.60 10.45 19.01
N LYS D 31 -21.79 23.85 -16.41
CA LYS D 31 -20.60 24.25 -17.13
C LYS D 31 -19.35 23.66 -16.47
N ARG D 32 -18.45 24.53 -16.03
CA ARG D 32 -17.10 24.18 -15.64
C ARG D 32 -17.09 23.24 -14.44
N SER D 33 -16.10 22.34 -14.39
CA SER D 33 -15.94 21.41 -13.29
C SER D 33 -15.60 22.17 -12.01
N ARG D 34 -16.44 21.99 -10.99
CA ARG D 34 -16.23 22.55 -9.66
C ARG D 34 -15.58 21.51 -8.75
N LYS D 35 -14.34 21.76 -8.35
CA LYS D 35 -13.53 20.80 -7.63
C LYS D 35 -13.50 21.28 -6.18
N GLU D 36 -14.12 20.50 -5.30
CA GLU D 36 -14.31 20.89 -3.91
C GLU D 36 -13.28 20.28 -2.99
N SER D 37 -13.14 20.88 -1.81
CA SER D 37 -12.32 20.35 -0.75
C SER D 37 -12.93 20.76 0.59
N TYR D 38 -12.16 20.58 1.66
CA TYR D 38 -12.61 20.89 3.01
C TYR D 38 -11.89 22.11 3.56
N SER D 39 -11.28 22.90 2.67
CA SER D 39 -10.21 23.82 3.04
C SER D 39 -10.67 24.93 3.98
N VAL D 40 -11.92 25.38 3.81
CA VAL D 40 -12.46 26.41 4.71
C VAL D 40 -12.61 25.85 6.11
N TYR D 41 -12.94 24.57 6.24
CA TYR D 41 -13.04 23.96 7.56
C TYR D 41 -11.68 23.70 8.16
N VAL D 42 -10.68 23.44 7.32
CA VAL D 42 -9.29 23.39 7.79
C VAL D 42 -8.88 24.72 8.38
N TYR D 43 -9.22 25.81 7.67
CA TYR D 43 -8.93 27.16 8.15
C TYR D 43 -9.67 27.45 9.45
N LYS D 44 -10.91 26.97 9.54
CA LYS D 44 -11.75 27.24 10.70
C LYS D 44 -11.23 26.50 11.93
N VAL D 45 -10.87 25.22 11.78
CA VAL D 45 -10.30 24.52 12.92
C VAL D 45 -8.90 25.02 13.24
N LEU D 46 -8.21 25.62 12.26
CA LEU D 46 -6.89 26.18 12.50
C LEU D 46 -6.97 27.39 13.41
N LYS D 47 -7.79 28.36 13.03
CA LYS D 47 -7.98 29.49 13.93
C LYS D 47 -8.90 29.18 15.11
N GLN D 48 -9.50 28.00 15.16
CA GLN D 48 -10.04 27.48 16.41
C GLN D 48 -8.92 27.15 17.40
N VAL D 49 -8.01 26.25 17.01
CA VAL D 49 -6.98 25.83 17.96
C VAL D 49 -5.90 26.90 18.12
N HIS D 50 -5.53 27.58 17.03
CA HIS D 50 -4.42 28.53 17.04
C HIS D 50 -4.85 29.76 16.26
N PRO D 51 -5.28 30.82 16.94
CA PRO D 51 -5.78 32.01 16.25
C PRO D 51 -4.70 32.91 15.68
N ASP D 52 -3.46 32.45 15.59
CA ASP D 52 -2.31 33.26 15.22
C ASP D 52 -1.64 32.84 13.92
N THR D 53 -1.56 31.54 13.64
CA THR D 53 -0.68 31.07 12.58
C THR D 53 -1.40 30.94 11.24
N GLY D 54 -0.61 31.04 10.17
CA GLY D 54 -1.08 30.79 8.83
C GLY D 54 -0.59 29.46 8.30
N ILE D 55 -0.94 29.20 7.04
CA ILE D 55 -0.71 27.90 6.43
C ILE D 55 -0.58 28.10 4.92
N SER D 56 0.37 27.39 4.31
CA SER D 56 0.54 27.46 2.88
C SER D 56 -0.54 26.68 2.16
N SER D 57 -0.59 26.84 0.84
CA SER D 57 -1.46 26.03 0.01
C SER D 57 -1.02 24.58 -0.05
N LYS D 58 0.26 24.32 0.20
CA LYS D 58 0.80 22.97 0.23
C LYS D 58 0.12 22.14 1.30
N ALA D 59 0.20 22.62 2.55
CA ALA D 59 -0.35 21.89 3.69
C ALA D 59 -1.86 21.85 3.68
N MET D 60 -2.51 22.78 2.98
CA MET D 60 -3.96 22.72 2.86
C MET D 60 -4.38 21.54 2.01
N GLY D 61 -3.68 21.30 0.89
CA GLY D 61 -3.95 20.11 0.09
C GLY D 61 -3.55 18.83 0.78
N ILE D 62 -2.46 18.86 1.56
CA ILE D 62 -2.08 17.72 2.39
C ILE D 62 -3.19 17.36 3.36
N MET D 63 -3.70 18.37 4.07
CA MET D 63 -4.77 18.16 5.03
C MET D 63 -6.05 17.66 4.36
N ASN D 64 -6.31 18.11 3.13
CA ASN D 64 -7.49 17.65 2.42
C ASN D 64 -7.37 16.17 2.06
N SER D 65 -6.20 15.76 1.58
CA SER D 65 -5.99 14.34 1.30
C SER D 65 -6.01 13.51 2.58
N PHE D 66 -5.54 14.10 3.69
CA PHE D 66 -5.61 13.47 5.00
C PHE D 66 -7.06 13.17 5.39
N VAL D 67 -7.94 14.16 5.24
CA VAL D 67 -9.33 13.98 5.66
C VAL D 67 -10.05 12.98 4.77
N ASN D 68 -9.80 13.02 3.46
CA ASN D 68 -10.55 12.12 2.62
C ASN D 68 -10.02 10.70 2.69
N ASP D 69 -8.71 10.52 2.95
CA ASP D 69 -8.17 9.18 3.09
C ASP D 69 -8.66 8.54 4.40
N ILE D 70 -8.69 9.31 5.49
CA ILE D 70 -9.18 8.73 6.74
C ILE D 70 -10.68 8.45 6.65
N PHE D 71 -11.44 9.30 5.95
CA PHE D 71 -12.85 9.04 5.74
C PHE D 71 -13.08 7.80 4.88
N GLU D 72 -12.27 7.61 3.84
CA GLU D 72 -12.38 6.41 3.00
C GLU D 72 -12.13 5.14 3.79
N ARG D 73 -11.05 5.13 4.58
CA ARG D 73 -10.70 3.93 5.35
C ARG D 73 -11.77 3.63 6.40
N ILE D 74 -12.30 4.66 7.05
CA ILE D 74 -13.29 4.45 8.10
C ILE D 74 -14.61 3.96 7.51
N ALA D 75 -15.03 4.56 6.39
CA ALA D 75 -16.30 4.15 5.78
C ALA D 75 -16.20 2.76 5.18
N GLY D 76 -15.04 2.38 4.62
CA GLY D 76 -14.89 1.04 4.09
C GLY D 76 -14.88 -0.01 5.18
N GLU D 77 -14.23 0.30 6.31
CA GLU D 77 -14.24 -0.63 7.44
C GLU D 77 -15.65 -0.80 7.99
N ALA D 78 -16.40 0.31 8.09
CA ALA D 78 -17.78 0.21 8.55
C ALA D 78 -18.65 -0.56 7.55
N SER D 79 -18.31 -0.46 6.26
CA SER D 79 -19.03 -1.20 5.24
C SER D 79 -18.85 -2.70 5.41
N ARG D 80 -17.60 -3.15 5.56
CA ARG D 80 -17.39 -4.60 5.70
C ARG D 80 -17.87 -5.11 7.05
N LEU D 81 -17.92 -4.25 8.07
CA LEU D 81 -18.50 -4.69 9.34
C LEU D 81 -20.01 -4.83 9.22
N ALA D 82 -20.67 -3.94 8.48
CA ALA D 82 -22.09 -4.11 8.25
C ALA D 82 -22.36 -5.36 7.41
N HIS D 83 -21.45 -5.68 6.48
CA HIS D 83 -21.66 -6.88 5.66
C HIS D 83 -21.47 -8.15 6.46
N TYR D 84 -20.56 -8.14 7.44
CA TYR D 84 -20.38 -9.36 8.23
C TYR D 84 -21.54 -9.59 9.20
N ASN D 85 -22.06 -8.55 9.81
CA ASN D 85 -23.11 -8.72 10.80
C ASN D 85 -24.50 -8.75 10.21
N LYS D 86 -24.61 -8.92 8.88
CA LYS D 86 -25.85 -9.15 8.14
C LYS D 86 -26.83 -8.00 8.29
N ARG D 87 -26.31 -6.80 8.54
CA ARG D 87 -27.13 -5.60 8.69
C ARG D 87 -26.93 -4.68 7.51
N SER D 88 -28.03 -4.17 6.97
CA SER D 88 -28.06 -3.45 5.71
C SER D 88 -27.73 -1.97 5.87
N THR D 89 -27.49 -1.51 7.09
CA THR D 89 -27.25 -0.10 7.37
C THR D 89 -25.90 0.13 8.05
N ILE D 90 -25.55 1.41 8.14
CA ILE D 90 -24.44 1.88 8.95
C ILE D 90 -25.00 2.79 10.03
N THR D 91 -24.69 2.50 11.28
CA THR D 91 -25.14 3.34 12.37
C THR D 91 -23.94 3.88 13.12
N SER D 92 -24.22 4.53 14.25
CA SER D 92 -23.16 5.08 15.09
C SER D 92 -22.35 3.96 15.73
N ARG D 93 -23.00 2.83 15.99
CA ARG D 93 -22.31 1.68 16.56
C ARG D 93 -21.28 1.11 15.58
N GLU D 94 -21.64 1.09 14.30
CA GLU D 94 -20.76 0.52 13.29
C GLU D 94 -19.51 1.35 13.12
N ILE D 95 -19.67 2.67 13.05
CA ILE D 95 -18.51 3.54 12.92
C ILE D 95 -17.73 3.61 14.22
N GLN D 96 -18.41 3.39 15.36
CA GLN D 96 -17.70 3.32 16.63
C GLN D 96 -16.81 2.09 16.70
N THR D 97 -17.30 0.96 16.21
CA THR D 97 -16.47 -0.24 16.07
C THR D 97 -15.34 0.01 15.08
N ALA D 98 -15.61 0.78 14.03
CA ALA D 98 -14.60 1.03 13.01
C ALA D 98 -13.44 1.86 13.54
N VAL D 99 -13.76 2.93 14.29
CA VAL D 99 -12.68 3.72 14.87
C VAL D 99 -12.04 3.03 16.06
N ARG D 100 -12.75 2.08 16.70
CA ARG D 100 -12.09 1.23 17.68
C ARG D 100 -11.09 0.31 17.01
N LEU D 101 -11.39 -0.12 15.78
CA LEU D 101 -10.51 -1.02 15.06
C LEU D 101 -9.29 -0.30 14.52
N LEU D 102 -9.49 0.82 13.82
CA LEU D 102 -8.39 1.41 13.08
C LEU D 102 -7.45 2.19 13.99
N LEU D 103 -7.99 3.04 14.84
CA LEU D 103 -7.18 3.98 15.61
C LEU D 103 -6.42 3.26 16.71
N PRO D 104 -5.08 3.28 16.70
CA PRO D 104 -4.31 2.51 17.69
C PRO D 104 -4.16 3.28 19.00
N GLY D 105 -4.63 2.68 20.09
CA GLY D 105 -4.35 3.20 21.41
C GLY D 105 -5.28 4.28 21.93
N GLU D 106 -4.71 5.13 22.79
CA GLU D 106 -5.39 6.25 23.44
C GLU D 106 -6.16 7.18 22.50
N LEU D 107 -5.74 7.28 21.23
CA LEU D 107 -6.47 8.08 20.25
C LEU D 107 -7.88 7.53 20.05
N ALA D 108 -8.03 6.21 20.03
CA ALA D 108 -9.33 5.59 19.91
C ALA D 108 -10.22 5.90 21.12
N LYS D 109 -9.64 5.88 22.31
CA LYS D 109 -10.40 6.14 23.53
C LYS D 109 -10.88 7.58 23.58
N HIS D 110 -9.97 8.51 23.25
CA HIS D 110 -10.34 9.92 23.12
C HIS D 110 -11.44 10.10 22.09
N ALA D 111 -11.32 9.40 20.95
CA ALA D 111 -12.28 9.53 19.86
C ALA D 111 -13.65 8.99 20.25
N VAL D 112 -13.71 7.86 20.94
CA VAL D 112 -15.02 7.31 21.27
C VAL D 112 -15.70 8.17 22.34
N SER D 113 -14.91 8.74 23.27
CA SER D 113 -15.47 9.60 24.30
C SER D 113 -16.12 10.84 23.69
N GLU D 114 -15.38 11.52 22.81
CA GLU D 114 -15.94 12.72 22.20
C GLU D 114 -17.02 12.38 21.18
N GLY D 115 -16.98 11.19 20.58
CA GLY D 115 -18.01 10.83 19.62
C GLY D 115 -19.34 10.63 20.30
N THR D 116 -19.33 9.93 21.44
CA THR D 116 -20.54 9.82 22.25
C THR D 116 -21.00 11.18 22.75
N LYS D 117 -20.05 12.05 23.11
CA LYS D 117 -20.39 13.44 23.43
C LYS D 117 -21.10 14.14 22.28
N ALA D 118 -20.61 13.92 21.06
CA ALA D 118 -21.16 14.63 19.90
C ALA D 118 -22.55 14.13 19.54
N VAL D 119 -22.79 12.83 19.60
CA VAL D 119 -24.16 12.38 19.33
C VAL D 119 -25.10 12.64 20.48
N THR D 120 -24.62 12.83 21.72
CA THR D 120 -25.53 13.30 22.75
C THR D 120 -25.91 14.76 22.52
N LYS D 121 -24.96 15.55 22.03
CA LYS D 121 -25.26 16.92 21.60
C LYS D 121 -26.28 16.93 20.46
N TYR D 122 -26.10 16.02 19.49
CA TYR D 122 -26.96 16.02 18.32
C TYR D 122 -28.36 15.50 18.66
N THR D 123 -28.45 14.52 19.55
CA THR D 123 -29.74 13.96 19.93
C THR D 123 -30.44 14.79 20.98
N SER D 124 -29.73 15.69 21.67
CA SER D 124 -30.37 16.54 22.66
C SER D 124 -31.33 17.54 22.02
N ALA D 125 -31.01 18.01 20.81
CA ALA D 125 -31.90 18.92 20.10
C ALA D 125 -32.89 18.14 19.26
N PRO E 39 46.50 23.06 1.72
CA PRO E 39 47.00 22.85 3.08
C PRO E 39 45.87 22.79 4.11
N HIS E 40 44.64 22.66 3.64
CA HIS E 40 43.46 22.55 4.50
C HIS E 40 42.66 21.31 4.15
N ARG E 41 43.35 20.22 3.81
CA ARG E 41 42.67 18.97 3.48
C ARG E 41 42.05 18.36 4.73
N TYR E 42 40.75 18.13 4.68
CA TYR E 42 40.04 17.62 5.85
C TYR E 42 40.17 16.11 5.95
N ARG E 43 40.07 15.60 7.17
CA ARG E 43 39.91 14.17 7.38
C ARG E 43 38.53 13.74 6.87
N PRO E 44 38.45 12.62 6.15
CA PRO E 44 37.19 12.22 5.52
C PRO E 44 36.16 11.79 6.56
N GLY E 45 35.04 12.50 6.59
CA GLY E 45 33.96 12.14 7.49
C GLY E 45 33.34 13.32 8.23
N THR E 46 34.14 14.35 8.49
CA THR E 46 33.61 15.53 9.18
C THR E 46 32.65 16.29 8.30
N VAL E 47 33.07 16.56 7.06
CA VAL E 47 32.18 17.15 6.08
C VAL E 47 31.08 16.17 5.67
N ALA E 48 31.28 14.87 5.86
CA ALA E 48 30.19 13.93 5.66
C ALA E 48 29.11 14.12 6.70
N LEU E 49 29.50 14.36 7.96
CA LEU E 49 28.55 14.70 9.01
C LEU E 49 27.86 16.02 8.69
N ARG E 50 28.60 16.99 8.17
CA ARG E 50 27.99 18.26 7.79
C ARG E 50 27.02 18.09 6.63
N GLU E 51 27.32 17.17 5.71
CA GLU E 51 26.41 16.89 4.61
C GLU E 51 25.14 16.20 5.09
N ILE E 52 25.30 15.30 6.09
CA ILE E 52 24.16 14.69 6.76
C ILE E 52 23.26 15.76 7.36
N ARG E 53 23.86 16.71 8.07
CA ARG E 53 23.08 17.74 8.74
C ARG E 53 22.41 18.69 7.74
N ARG E 54 23.11 19.06 6.66
CA ARG E 54 22.50 19.99 5.72
C ARG E 54 21.39 19.31 4.92
N TYR E 55 21.55 18.03 4.57
CA TYR E 55 20.51 17.40 3.77
C TYR E 55 19.33 16.96 4.61
N GLN E 56 19.56 16.54 5.87
CA GLN E 56 18.43 16.24 6.73
C GLN E 56 17.72 17.50 7.18
N LYS E 57 18.45 18.62 7.26
CA LYS E 57 17.79 19.88 7.56
C LYS E 57 17.02 20.41 6.36
N SER E 58 17.52 20.18 5.15
CA SER E 58 16.84 20.62 3.95
C SER E 58 15.69 19.69 3.61
N THR E 59 14.79 20.18 2.74
CA THR E 59 13.57 19.45 2.43
C THR E 59 13.16 19.51 0.96
N GLU E 60 13.96 20.13 0.09
CA GLU E 60 13.58 20.28 -1.31
C GLU E 60 13.87 19.00 -2.08
N LEU E 61 13.51 18.99 -3.37
CA LEU E 61 13.80 17.87 -4.25
C LEU E 61 15.30 17.67 -4.42
N LEU E 62 15.70 16.42 -4.62
CA LEU E 62 17.12 16.08 -4.65
C LEU E 62 17.60 15.63 -6.02
N ILE E 63 16.69 15.43 -6.97
CA ILE E 63 17.05 15.04 -8.33
C ILE E 63 16.68 16.19 -9.26
N ARG E 64 17.59 16.51 -10.18
CA ARG E 64 17.27 17.45 -11.24
C ARG E 64 16.11 16.91 -12.07
N LYS E 65 15.17 17.81 -12.38
CA LYS E 65 13.85 17.38 -12.84
C LYS E 65 13.89 16.86 -14.27
N LEU E 66 14.77 17.40 -15.10
CA LEU E 66 14.84 17.03 -16.51
C LEU E 66 15.38 15.62 -16.77
N PRO E 67 16.40 15.11 -16.04
CA PRO E 67 16.73 13.68 -16.23
C PRO E 67 15.61 12.73 -15.82
N PHE E 68 14.92 13.02 -14.72
CA PHE E 68 13.81 12.17 -14.31
C PHE E 68 12.65 12.26 -15.29
N GLN E 69 12.43 13.45 -15.87
CA GLN E 69 11.39 13.62 -16.87
C GLN E 69 11.69 12.83 -18.13
N ARG E 70 12.94 12.90 -18.61
CA ARG E 70 13.32 12.12 -19.78
C ARG E 70 13.32 10.63 -19.51
N LEU E 71 13.65 10.21 -18.28
CA LEU E 71 13.64 8.79 -17.96
C LEU E 71 12.22 8.26 -17.91
N VAL E 72 11.30 9.01 -17.29
CA VAL E 72 9.90 8.59 -17.22
C VAL E 72 9.29 8.58 -18.62
N ARG E 73 9.65 9.56 -19.45
CA ARG E 73 9.21 9.59 -20.83
C ARG E 73 9.76 8.39 -21.61
N GLU E 74 10.94 7.92 -21.25
CA GLU E 74 11.51 6.74 -21.88
C GLU E 74 10.77 5.48 -21.43
N ILE E 75 10.51 5.35 -20.13
CA ILE E 75 9.93 4.13 -19.60
C ILE E 75 8.47 3.98 -20.01
N ALA E 76 7.71 5.07 -19.96
CA ALA E 76 6.27 4.99 -20.24
C ALA E 76 5.96 4.71 -21.70
N GLN E 77 6.90 4.98 -22.61
CA GLN E 77 6.67 4.68 -24.02
C GLN E 77 6.74 3.18 -24.29
N ASP E 78 7.29 2.40 -23.35
CA ASP E 78 7.36 0.96 -23.54
C ASP E 78 6.00 0.29 -23.36
N PHE E 79 5.05 0.95 -22.69
CA PHE E 79 3.72 0.38 -22.58
C PHE E 79 2.86 0.78 -23.78
N LYS E 80 2.69 2.09 -24.00
CA LYS E 80 1.92 2.61 -25.11
C LYS E 80 2.59 3.88 -25.61
N THR E 81 2.08 4.39 -26.73
CA THR E 81 2.63 5.59 -27.34
C THR E 81 1.76 6.80 -27.03
N ASP E 82 2.35 7.98 -27.21
CA ASP E 82 1.71 9.29 -27.07
C ASP E 82 1.10 9.47 -25.67
N LEU E 83 1.96 9.36 -24.67
CA LEU E 83 1.55 9.39 -23.27
C LEU E 83 2.20 10.58 -22.60
N ARG E 84 1.53 11.73 -22.65
CA ARG E 84 2.06 12.89 -21.97
C ARG E 84 1.63 12.88 -20.51
N PHE E 85 2.16 13.85 -19.75
CA PHE E 85 1.97 13.87 -18.31
C PHE E 85 1.71 15.30 -17.87
N GLN E 86 1.01 15.42 -16.75
CA GLN E 86 1.02 16.70 -16.07
C GLN E 86 2.33 16.88 -15.34
N SER E 87 2.67 18.14 -15.04
CA SER E 87 3.85 18.43 -14.25
C SER E 87 3.72 17.90 -12.83
N SER E 88 2.50 17.96 -12.28
CA SER E 88 2.24 17.39 -10.97
C SER E 88 2.41 15.89 -10.96
N ALA E 89 2.14 15.23 -12.10
CA ALA E 89 2.32 13.78 -12.19
C ALA E 89 3.77 13.39 -12.06
N VAL E 90 4.62 14.00 -12.88
CA VAL E 90 6.05 13.72 -12.87
C VAL E 90 6.68 14.11 -11.53
N MET E 91 6.25 15.26 -11.00
CA MET E 91 6.77 15.73 -9.72
C MET E 91 6.39 14.76 -8.61
N ALA E 92 5.16 14.26 -8.67
CA ALA E 92 4.68 13.30 -7.69
C ALA E 92 5.49 12.01 -7.78
N LEU E 93 5.81 11.62 -9.02
CA LEU E 93 6.58 10.40 -9.25
C LEU E 93 7.98 10.55 -8.69
N GLN E 94 8.58 11.73 -8.86
CA GLN E 94 9.90 11.98 -8.27
C GLN E 94 9.83 11.99 -6.76
N GLU E 95 8.74 12.52 -6.20
CA GLU E 95 8.56 12.56 -4.76
C GLU E 95 8.42 11.15 -4.17
N ALA E 96 7.59 10.32 -4.81
CA ALA E 96 7.38 8.97 -4.33
C ALA E 96 8.64 8.13 -4.48
N SER E 97 9.36 8.29 -5.60
CA SER E 97 10.61 7.58 -5.81
C SER E 97 11.65 7.98 -4.76
N GLU E 98 11.74 9.28 -4.45
CA GLU E 98 12.72 9.73 -3.49
C GLU E 98 12.37 9.25 -2.09
N ALA E 99 11.08 9.20 -1.75
CA ALA E 99 10.68 8.70 -0.44
C ALA E 99 10.97 7.20 -0.30
N TYR E 100 10.70 6.44 -1.37
CA TYR E 100 11.01 5.02 -1.39
C TYR E 100 12.51 4.77 -1.26
N LEU E 101 13.32 5.60 -1.93
CA LEU E 101 14.76 5.41 -1.87
C LEU E 101 15.32 5.81 -0.51
N VAL E 102 14.79 6.86 0.11
CA VAL E 102 15.38 7.24 1.40
C VAL E 102 14.97 6.24 2.47
N GLY E 103 13.76 5.67 2.39
CA GLY E 103 13.41 4.58 3.29
C GLY E 103 14.29 3.35 3.08
N LEU E 104 14.56 3.03 1.81
CA LEU E 104 15.40 1.89 1.48
C LEU E 104 16.82 2.08 1.99
N PHE E 105 17.36 3.29 1.87
CA PHE E 105 18.74 3.50 2.25
C PHE E 105 18.91 3.62 3.76
N GLU E 106 17.90 4.14 4.46
CA GLU E 106 17.90 4.04 5.92
C GLU E 106 17.89 2.59 6.37
N ASP E 107 17.09 1.75 5.68
CA ASP E 107 17.02 0.33 5.98
C ASP E 107 18.36 -0.36 5.77
N THR E 108 18.99 -0.13 4.62
CA THR E 108 20.26 -0.77 4.33
C THR E 108 21.38 -0.25 5.21
N ASN E 109 21.32 1.00 5.66
CA ASN E 109 22.35 1.49 6.56
C ASN E 109 22.20 0.86 7.95
N LEU E 110 20.95 0.65 8.40
CA LEU E 110 20.76 -0.08 9.64
C LEU E 110 21.19 -1.53 9.52
N ALA E 111 21.02 -2.10 8.33
CA ALA E 111 21.50 -3.45 8.06
C ALA E 111 23.01 -3.51 8.09
N ALA E 112 23.67 -2.51 7.50
CA ALA E 112 25.13 -2.46 7.49
C ALA E 112 25.69 -2.25 8.88
N ILE E 113 25.00 -1.49 9.72
CA ILE E 113 25.55 -1.25 11.04
C ILE E 113 25.25 -2.42 11.96
N HIS E 114 24.23 -3.23 11.65
CA HIS E 114 24.16 -4.51 12.33
C HIS E 114 25.29 -5.42 11.90
N ALA E 115 25.76 -5.27 10.67
CA ALA E 115 26.83 -6.09 10.11
C ALA E 115 28.22 -5.59 10.50
N LYS E 116 28.31 -4.71 11.49
CA LYS E 116 29.56 -4.20 12.07
C LYS E 116 30.43 -3.47 11.04
N ARG E 117 29.81 -2.87 10.03
CA ARG E 117 30.52 -2.06 9.07
C ARG E 117 29.85 -0.70 8.98
N VAL E 118 30.61 0.29 8.50
CA VAL E 118 30.13 1.67 8.48
C VAL E 118 29.88 2.17 7.07
N THR E 119 29.85 1.27 6.09
CA THR E 119 29.44 1.63 4.74
C THR E 119 28.42 0.62 4.25
N ILE E 120 27.73 0.97 3.19
CA ILE E 120 26.73 0.09 2.61
C ILE E 120 27.34 -0.68 1.44
N MET E 121 26.81 -1.88 1.23
CA MET E 121 27.21 -2.77 0.16
C MET E 121 25.93 -3.34 -0.45
N PRO E 122 25.98 -3.82 -1.70
CA PRO E 122 24.76 -4.37 -2.32
C PRO E 122 24.21 -5.62 -1.64
N LYS E 123 25.02 -6.29 -0.81
CA LYS E 123 24.49 -7.35 0.05
C LYS E 123 23.46 -6.79 1.02
N ASP E 124 23.72 -5.61 1.57
CA ASP E 124 22.74 -4.94 2.41
C ASP E 124 21.50 -4.54 1.61
N ILE E 125 21.69 -4.19 0.32
CA ILE E 125 20.59 -3.82 -0.53
C ILE E 125 19.66 -5.01 -0.74
N GLN E 126 20.21 -6.17 -1.12
CA GLN E 126 19.34 -7.32 -1.31
C GLN E 126 18.83 -7.87 0.02
N LEU E 127 19.53 -7.62 1.13
CA LEU E 127 19.01 -8.01 2.43
C LEU E 127 17.77 -7.21 2.78
N ALA E 128 17.81 -5.89 2.57
CA ALA E 128 16.64 -5.08 2.85
C ALA E 128 15.52 -5.36 1.86
N ARG E 129 15.85 -5.72 0.62
CA ARG E 129 14.84 -6.13 -0.32
C ARG E 129 14.29 -7.52 -0.03
N ARG E 130 14.97 -8.30 0.81
CA ARG E 130 14.40 -9.56 1.22
C ARG E 130 13.53 -9.44 2.45
N ILE E 131 14.03 -8.80 3.51
CA ILE E 131 13.33 -8.82 4.80
C ILE E 131 12.06 -7.99 4.73
N ARG E 132 12.05 -6.93 3.94
CA ARG E 132 10.81 -6.20 3.72
C ARG E 132 9.85 -6.95 2.80
N GLY E 133 10.33 -7.95 2.08
CA GLY E 133 9.41 -8.77 1.31
C GLY E 133 8.95 -8.13 0.03
N GLU E 134 9.88 -7.93 -0.91
CA GLU E 134 9.55 -7.41 -2.22
C GLU E 134 9.58 -8.45 -3.32
N ARG E 135 10.32 -9.53 -3.14
CA ARG E 135 10.48 -10.53 -4.19
C ARG E 135 10.03 -11.91 -3.72
N LYS F 17 33.18 15.00 -28.06
CA LYS F 17 31.79 14.91 -28.47
C LYS F 17 30.86 15.42 -27.37
N ARG F 18 29.63 15.75 -27.75
CA ARG F 18 28.64 16.25 -26.81
C ARG F 18 28.32 15.21 -25.74
N HIS F 19 28.21 13.95 -26.17
CA HIS F 19 27.92 12.86 -25.25
C HIS F 19 29.07 11.85 -25.24
N ARG F 20 29.54 11.51 -24.04
CA ARG F 20 30.64 10.56 -23.89
C ARG F 20 30.26 9.16 -24.36
N LYS F 21 31.21 8.50 -25.02
CA LYS F 21 31.04 7.13 -25.52
C LYS F 21 29.83 6.97 -26.42
N VAL F 22 29.02 5.95 -26.14
CA VAL F 22 27.82 5.68 -26.92
C VAL F 22 26.57 6.27 -26.27
N LEU F 23 26.77 6.87 -25.09
CA LEU F 23 25.68 7.49 -24.32
C LEU F 23 24.53 6.51 -24.05
N ARG F 24 23.31 6.96 -24.34
CA ARG F 24 22.10 6.16 -24.16
C ARG F 24 21.95 5.60 -22.74
N ASP F 25 22.25 6.43 -21.74
CA ASP F 25 22.16 6.02 -20.35
C ASP F 25 21.19 6.92 -19.58
N ASN F 26 19.99 7.11 -20.14
CA ASN F 26 18.98 7.95 -19.50
C ASN F 26 18.87 7.67 -18.01
N ILE F 27 18.91 6.38 -17.63
CA ILE F 27 18.91 6.02 -16.22
C ILE F 27 20.21 6.43 -15.55
N GLN F 28 21.29 6.51 -16.33
CA GLN F 28 22.53 7.08 -15.83
C GLN F 28 22.51 8.60 -15.80
N GLY F 29 21.40 9.21 -16.25
CA GLY F 29 21.18 10.62 -15.99
C GLY F 29 21.01 10.91 -14.51
N ILE F 30 20.55 9.91 -13.74
CA ILE F 30 20.51 10.02 -12.29
C ILE F 30 21.94 9.74 -11.83
N THR F 31 22.75 10.78 -11.80
CA THR F 31 24.19 10.61 -11.71
C THR F 31 24.61 10.31 -10.27
N LYS F 32 25.89 9.96 -10.15
CA LYS F 32 26.45 9.57 -8.86
C LYS F 32 26.42 10.66 -7.80
N PRO F 33 26.63 11.96 -8.09
CA PRO F 33 26.33 12.97 -7.05
C PRO F 33 24.87 13.01 -6.64
N ALA F 34 23.94 12.75 -7.57
CA ALA F 34 22.53 12.76 -7.20
C ALA F 34 22.18 11.59 -6.28
N ILE F 35 22.70 10.40 -6.59
CA ILE F 35 22.51 9.26 -5.71
C ILE F 35 23.25 9.47 -4.39
N ARG F 36 24.35 10.23 -4.42
CA ARG F 36 25.02 10.61 -3.17
C ARG F 36 24.14 11.52 -2.34
N ARG F 37 23.40 12.42 -2.99
CA ARG F 37 22.46 13.27 -2.26
C ARG F 37 21.35 12.44 -1.63
N LEU F 38 20.79 11.50 -2.40
CA LEU F 38 19.72 10.64 -1.89
C LEU F 38 20.22 9.76 -0.76
N ALA F 39 21.49 9.37 -0.82
CA ALA F 39 22.06 8.56 0.23
C ALA F 39 22.34 9.39 1.48
N ARG F 40 22.84 10.61 1.30
CA ARG F 40 23.13 11.47 2.43
C ARG F 40 21.87 11.99 3.10
N ARG F 41 20.73 11.97 2.40
CA ARG F 41 19.48 12.14 3.12
C ARG F 41 19.21 10.93 4.02
N GLY F 42 19.56 9.75 3.54
CA GLY F 42 19.26 8.50 4.22
C GLY F 42 20.10 8.16 5.42
N GLY F 43 21.03 9.03 5.81
CA GLY F 43 21.78 8.79 7.03
C GLY F 43 22.96 7.85 6.90
N VAL F 44 23.56 7.75 5.72
CA VAL F 44 24.71 6.89 5.52
C VAL F 44 25.97 7.75 5.58
N LYS F 45 27.08 7.17 6.00
CA LYS F 45 28.35 7.88 6.12
C LYS F 45 29.25 7.61 4.91
N ARG F 46 29.56 6.35 4.66
CA ARG F 46 30.44 5.99 3.57
C ARG F 46 29.64 5.17 2.57
N ILE F 47 29.95 5.36 1.30
CA ILE F 47 29.25 4.70 0.20
C ILE F 47 30.28 3.90 -0.58
N SER F 48 29.99 2.63 -0.80
CA SER F 48 30.89 1.86 -1.64
C SER F 48 30.65 2.21 -3.10
N GLY F 49 31.59 1.80 -3.95
CA GLY F 49 31.49 2.08 -5.35
C GLY F 49 30.57 1.18 -6.13
N LEU F 50 29.81 0.32 -5.45
CA LEU F 50 28.91 -0.60 -6.09
C LEU F 50 27.51 -0.48 -5.52
N ILE F 51 27.02 0.76 -5.40
CA ILE F 51 25.70 1.03 -4.89
C ILE F 51 24.77 1.53 -5.99
N TYR F 52 25.33 2.20 -6.99
CA TYR F 52 24.58 3.07 -7.88
C TYR F 52 23.73 2.27 -8.85
N GLU F 53 24.30 1.24 -9.47
CA GLU F 53 23.55 0.45 -10.44
C GLU F 53 22.46 -0.36 -9.77
N GLU F 54 22.67 -0.75 -8.52
CA GLU F 54 21.65 -1.50 -7.80
C GLU F 54 20.52 -0.56 -7.37
N THR F 55 20.88 0.66 -6.97
CA THR F 55 19.89 1.71 -6.72
C THR F 55 19.11 2.01 -8.00
N ARG F 56 19.80 2.00 -9.13
CA ARG F 56 19.14 2.14 -10.42
C ARG F 56 18.20 0.97 -10.69
N GLY F 57 18.54 -0.23 -10.24
CA GLY F 57 17.63 -1.35 -10.37
C GLY F 57 16.37 -1.16 -9.55
N VAL F 58 16.52 -0.56 -8.36
CA VAL F 58 15.36 -0.15 -7.56
C VAL F 58 14.51 0.87 -8.33
N LEU F 59 15.17 1.83 -9.00
CA LEU F 59 14.46 2.79 -9.85
C LEU F 59 13.66 2.10 -10.94
N LYS F 60 14.28 1.13 -11.63
CA LYS F 60 13.59 0.41 -12.70
C LYS F 60 12.36 -0.30 -12.17
N VAL F 61 12.52 -1.09 -11.10
CA VAL F 61 11.40 -1.91 -10.65
C VAL F 61 10.28 -1.05 -10.08
N PHE F 62 10.61 0.04 -9.40
CA PHE F 62 9.58 0.87 -8.81
C PHE F 62 8.84 1.66 -9.87
N LEU F 63 9.57 2.24 -10.83
CA LEU F 63 8.91 3.04 -11.85
C LEU F 63 8.13 2.18 -12.83
N GLU F 64 8.60 0.96 -13.12
CA GLU F 64 7.79 0.05 -13.93
C GLU F 64 6.49 -0.28 -13.24
N ASN F 65 6.56 -0.66 -11.95
CA ASN F 65 5.36 -1.10 -11.26
C ASN F 65 4.38 0.03 -11.05
N VAL F 66 4.85 1.28 -10.91
CA VAL F 66 3.87 2.36 -10.74
C VAL F 66 3.33 2.83 -12.09
N ILE F 67 4.20 2.96 -13.10
CA ILE F 67 3.81 3.53 -14.38
C ILE F 67 2.89 2.58 -15.12
N ARG F 68 3.06 1.27 -14.95
CA ARG F 68 2.14 0.30 -15.52
C ARG F 68 0.73 0.48 -14.96
N ASP F 69 0.64 0.69 -13.65
CA ASP F 69 -0.65 0.89 -13.03
C ASP F 69 -1.31 2.18 -13.50
N ALA F 70 -0.53 3.25 -13.58
CA ALA F 70 -1.06 4.55 -13.96
C ALA F 70 -1.48 4.56 -15.41
N VAL F 71 -0.75 3.86 -16.28
CA VAL F 71 -1.16 3.85 -17.67
C VAL F 71 -2.38 2.96 -17.83
N THR F 72 -2.54 1.95 -16.97
CA THR F 72 -3.78 1.16 -16.97
C THR F 72 -4.97 2.02 -16.56
N TYR F 73 -4.79 2.84 -15.52
CA TYR F 73 -5.81 3.79 -15.08
C TYR F 73 -6.24 4.70 -16.21
N THR F 74 -5.28 5.37 -16.85
CA THR F 74 -5.67 6.34 -17.86
C THR F 74 -6.08 5.69 -19.18
N GLU F 75 -5.72 4.42 -19.41
CA GLU F 75 -6.20 3.77 -20.61
C GLU F 75 -7.59 3.21 -20.46
N HIS F 76 -8.04 2.98 -19.23
CA HIS F 76 -9.44 2.59 -19.09
C HIS F 76 -10.37 3.79 -19.28
N ALA F 77 -9.93 4.97 -18.86
CA ALA F 77 -10.77 6.16 -18.86
C ALA F 77 -10.76 6.91 -20.18
N LYS F 78 -10.23 6.28 -21.24
CA LYS F 78 -10.26 6.79 -22.62
C LYS F 78 -9.53 8.13 -22.74
N ARG F 79 -8.43 8.28 -22.01
CA ARG F 79 -7.66 9.51 -22.00
C ARG F 79 -6.22 9.24 -22.37
N LYS F 80 -5.63 10.13 -23.16
CA LYS F 80 -4.24 9.99 -23.57
C LYS F 80 -3.27 10.66 -22.62
N THR F 81 -3.76 11.28 -21.56
CA THR F 81 -2.91 11.99 -20.60
C THR F 81 -2.90 11.29 -19.25
N VAL F 82 -1.80 11.44 -18.53
CA VAL F 82 -1.62 10.82 -17.23
C VAL F 82 -1.78 11.89 -16.16
N THR F 83 -2.81 11.75 -15.34
CA THR F 83 -3.14 12.72 -14.31
C THR F 83 -2.39 12.37 -13.03
N ALA F 84 -2.04 13.40 -12.25
CA ALA F 84 -1.33 13.18 -11.00
C ALA F 84 -2.18 12.41 -9.99
N MET F 85 -3.50 12.58 -10.05
CA MET F 85 -4.38 11.83 -9.16
C MET F 85 -4.42 10.35 -9.54
N ASP F 86 -4.22 10.04 -10.82
CA ASP F 86 -4.06 8.65 -11.22
C ASP F 86 -2.76 8.07 -10.67
N VAL F 87 -1.72 8.89 -10.56
CA VAL F 87 -0.47 8.44 -9.93
C VAL F 87 -0.71 8.19 -8.45
N VAL F 88 -1.51 9.03 -7.80
CA VAL F 88 -1.82 8.81 -6.40
C VAL F 88 -2.68 7.55 -6.22
N TYR F 89 -3.52 7.22 -7.19
CA TYR F 89 -4.26 5.96 -7.11
C TYR F 89 -3.33 4.77 -7.31
N ALA F 90 -2.38 4.90 -8.24
CA ALA F 90 -1.42 3.83 -8.50
C ALA F 90 -0.49 3.60 -7.32
N LEU F 91 -0.25 4.64 -6.54
CA LEU F 91 0.52 4.48 -5.32
C LEU F 91 -0.34 4.06 -4.15
N LYS F 92 -1.66 4.31 -4.21
CA LYS F 92 -2.57 3.73 -3.24
C LYS F 92 -2.76 2.25 -3.48
N ARG F 93 -2.43 1.77 -4.69
CA ARG F 93 -2.49 0.35 -4.99
C ARG F 93 -1.51 -0.47 -4.16
N GLN F 94 -0.34 0.11 -3.86
CA GLN F 94 0.75 -0.65 -3.27
C GLN F 94 1.10 -0.20 -1.86
N GLY F 95 0.16 0.43 -1.15
CA GLY F 95 0.45 0.90 0.18
C GLY F 95 1.47 2.02 0.22
N ARG F 96 1.59 2.77 -0.87
CA ARG F 96 2.69 3.69 -1.09
C ARG F 96 2.09 5.09 -1.25
N THR F 97 1.02 5.35 -0.52
CA THR F 97 0.23 6.57 -0.67
C THR F 97 0.98 7.80 -0.19
N LEU F 98 1.02 8.84 -1.03
CA LEU F 98 1.56 10.13 -0.66
C LEU F 98 0.41 11.12 -0.55
N TYR F 99 0.71 12.28 0.01
CA TYR F 99 -0.28 13.31 0.28
C TYR F 99 0.02 14.57 -0.50
N GLY F 100 -0.93 15.50 -0.44
CA GLY F 100 -0.75 16.80 -1.05
C GLY F 100 -1.29 16.96 -2.45
N PHE F 101 -2.14 16.04 -2.92
CA PHE F 101 -2.70 16.18 -4.24
C PHE F 101 -4.21 15.94 -4.28
N GLY F 102 -4.83 15.62 -3.16
CA GLY F 102 -6.18 15.11 -3.18
C GLY F 102 -6.19 13.59 -3.07
N GLY F 103 -7.37 13.04 -2.76
CA GLY F 103 -7.49 11.60 -2.63
C GLY F 103 -8.91 11.05 -2.53
N LYS G 31 -49.47 -19.05 -16.89
CA LYS G 31 -48.98 -19.12 -18.27
C LYS G 31 -47.78 -20.07 -18.40
N ALA G 32 -47.35 -20.28 -19.64
CA ALA G 32 -46.27 -21.21 -19.99
C ALA G 32 -45.00 -20.49 -20.43
N ARG G 33 -43.96 -20.57 -19.61
CA ARG G 33 -42.68 -19.96 -19.92
C ARG G 33 -41.90 -20.89 -20.86
N ALA G 34 -40.75 -20.42 -21.34
CA ALA G 34 -39.90 -21.30 -22.14
C ALA G 34 -39.09 -22.21 -21.23
N LYS G 35 -38.22 -23.03 -21.84
CA LYS G 35 -37.39 -23.94 -21.07
C LYS G 35 -36.28 -23.14 -20.37
N ALA G 36 -36.11 -23.38 -19.08
CA ALA G 36 -35.15 -22.64 -18.27
C ALA G 36 -33.69 -22.97 -18.61
N LYS G 37 -33.10 -22.15 -19.46
CA LYS G 37 -31.69 -22.25 -19.82
C LYS G 37 -30.90 -21.32 -18.93
N THR G 38 -29.91 -21.86 -18.22
CA THR G 38 -29.12 -21.00 -17.37
C THR G 38 -28.02 -20.34 -18.18
N ARG G 39 -27.50 -19.23 -17.66
CA ARG G 39 -26.44 -18.51 -18.33
C ARG G 39 -25.11 -19.23 -18.25
N SER G 40 -24.94 -20.13 -17.29
CA SER G 40 -23.76 -21.00 -17.27
C SER G 40 -23.78 -21.95 -18.46
N SER G 41 -24.97 -22.44 -18.83
CA SER G 41 -25.11 -23.20 -20.06
C SER G 41 -24.95 -22.32 -21.29
N ARG G 42 -25.23 -21.03 -21.17
CA ARG G 42 -25.07 -20.10 -22.29
C ARG G 42 -23.62 -19.71 -22.54
N ALA G 43 -22.68 -20.17 -21.72
CA ALA G 43 -21.28 -19.80 -21.88
C ALA G 43 -20.34 -20.99 -21.91
N GLY G 44 -20.86 -22.21 -21.85
CA GLY G 44 -20.01 -23.37 -21.66
C GLY G 44 -19.32 -23.33 -20.31
N LEU G 45 -20.02 -22.87 -19.29
CA LEU G 45 -19.43 -22.41 -18.05
C LEU G 45 -19.87 -23.33 -16.91
N GLN G 46 -18.98 -23.52 -15.95
CA GLN G 46 -19.25 -24.33 -14.77
C GLN G 46 -19.42 -23.50 -13.50
N PHE G 47 -19.59 -22.19 -13.62
CA PHE G 47 -19.84 -21.40 -12.43
C PHE G 47 -21.24 -20.79 -12.48
N PRO G 48 -21.89 -20.64 -11.32
CA PRO G 48 -23.26 -20.10 -11.32
C PRO G 48 -23.27 -18.61 -11.62
N VAL G 49 -23.91 -18.26 -12.74
CA VAL G 49 -23.94 -16.87 -13.16
C VAL G 49 -24.91 -16.08 -12.30
N GLY G 50 -26.07 -16.65 -11.99
CA GLY G 50 -27.04 -15.93 -11.18
C GLY G 50 -26.58 -15.68 -9.76
N ARG G 51 -25.77 -16.60 -9.22
CA ARG G 51 -25.26 -16.43 -7.86
C ARG G 51 -24.31 -15.25 -7.79
N VAL G 52 -23.38 -15.15 -8.74
CA VAL G 52 -22.47 -14.01 -8.72
C VAL G 52 -23.15 -12.75 -9.20
N HIS G 53 -24.23 -12.87 -9.97
CA HIS G 53 -25.01 -11.70 -10.39
C HIS G 53 -25.67 -11.04 -9.18
N ARG G 54 -26.36 -11.84 -8.36
CA ARG G 54 -26.93 -11.28 -7.14
C ARG G 54 -25.85 -10.93 -6.13
N LEU G 55 -24.72 -11.65 -6.17
CA LEU G 55 -23.63 -11.40 -5.25
C LEU G 55 -22.95 -10.08 -5.56
N LEU G 56 -22.95 -9.66 -6.82
CA LEU G 56 -22.55 -8.31 -7.12
C LEU G 56 -23.66 -7.32 -6.80
N ARG G 57 -24.91 -7.75 -7.00
CA ARG G 57 -26.06 -6.88 -6.81
C ARG G 57 -26.24 -6.51 -5.33
N LYS G 58 -26.19 -7.49 -4.45
CA LYS G 58 -26.18 -7.20 -3.02
C LYS G 58 -24.79 -6.90 -2.49
N GLY G 59 -23.76 -7.05 -3.32
CA GLY G 59 -22.40 -6.82 -2.86
C GLY G 59 -22.02 -5.38 -2.70
N ASN G 60 -22.91 -4.47 -3.12
CA ASN G 60 -22.84 -3.05 -2.79
C ASN G 60 -21.61 -2.38 -3.39
N TYR G 61 -21.31 -2.74 -4.64
CA TYR G 61 -20.17 -2.19 -5.36
C TYR G 61 -20.56 -1.12 -6.36
N SER G 62 -21.68 -1.29 -7.05
CA SER G 62 -22.31 -0.20 -7.80
C SER G 62 -23.80 -0.46 -7.87
N GLU G 63 -24.54 0.50 -8.44
CA GLU G 63 -25.98 0.41 -8.48
C GLU G 63 -26.45 -0.59 -9.53
N ARG G 64 -26.10 -0.36 -10.78
CA ARG G 64 -26.40 -1.29 -11.85
C ARG G 64 -25.19 -2.17 -12.11
N VAL G 65 -25.43 -3.33 -12.73
CA VAL G 65 -24.38 -4.28 -13.07
C VAL G 65 -24.57 -4.71 -14.51
N GLY G 66 -23.47 -4.72 -15.27
CA GLY G 66 -23.54 -5.12 -16.66
C GLY G 66 -23.83 -6.60 -16.83
N ALA G 67 -24.29 -6.95 -18.03
CA ALA G 67 -24.75 -8.31 -18.26
C ALA G 67 -23.59 -9.29 -18.37
N GLY G 68 -22.54 -8.92 -19.08
CA GLY G 68 -21.40 -9.80 -19.26
C GLY G 68 -20.34 -9.72 -18.21
N ALA G 69 -20.52 -8.89 -17.19
CA ALA G 69 -19.49 -8.74 -16.18
C ALA G 69 -19.47 -9.94 -15.21
N PRO G 70 -20.62 -10.50 -14.77
CA PRO G 70 -20.50 -11.80 -14.09
C PRO G 70 -20.01 -12.92 -14.98
N VAL G 71 -20.26 -12.85 -16.30
CA VAL G 71 -19.69 -13.82 -17.23
C VAL G 71 -18.17 -13.75 -17.20
N TYR G 72 -17.64 -12.54 -17.24
CA TYR G 72 -16.20 -12.32 -17.20
C TYR G 72 -15.62 -12.77 -15.87
N LEU G 73 -16.34 -12.46 -14.79
CA LEU G 73 -15.93 -12.82 -13.44
C LEU G 73 -15.87 -14.33 -13.27
N ALA G 74 -16.91 -15.03 -13.70
CA ALA G 74 -16.95 -16.47 -13.56
C ALA G 74 -15.90 -17.13 -14.44
N ALA G 75 -15.60 -16.53 -15.60
CA ALA G 75 -14.54 -17.05 -16.46
C ALA G 75 -13.18 -16.98 -15.78
N VAL G 76 -12.86 -15.81 -15.22
CA VAL G 76 -11.51 -15.66 -14.65
C VAL G 76 -11.39 -16.44 -13.35
N LEU G 77 -12.47 -16.59 -12.58
CA LEU G 77 -12.40 -17.41 -11.38
C LEU G 77 -12.26 -18.88 -11.72
N GLU G 78 -12.98 -19.35 -12.76
CA GLU G 78 -12.85 -20.74 -13.20
C GLU G 78 -11.43 -21.03 -13.66
N TYR G 79 -10.83 -20.13 -14.42
CA TYR G 79 -9.46 -20.34 -14.86
C TYR G 79 -8.46 -20.28 -13.72
N LEU G 80 -8.70 -19.40 -12.75
CA LEU G 80 -7.77 -19.25 -11.65
C LEU G 80 -7.72 -20.53 -10.84
N THR G 81 -8.89 -21.00 -10.41
CA THR G 81 -8.89 -22.25 -9.68
C THR G 81 -8.62 -23.46 -10.56
N ALA G 82 -9.00 -23.42 -11.84
CA ALA G 82 -8.74 -24.55 -12.71
C ALA G 82 -7.23 -24.75 -12.79
N GLU G 83 -6.52 -23.63 -12.93
CA GLU G 83 -5.06 -23.64 -12.99
C GLU G 83 -4.47 -24.11 -11.67
N ILE G 84 -5.06 -23.69 -10.56
CA ILE G 84 -4.57 -24.11 -9.26
C ILE G 84 -4.71 -25.63 -9.14
N LEU G 85 -5.84 -26.13 -9.62
CA LEU G 85 -6.11 -27.56 -9.60
C LEU G 85 -5.15 -28.38 -10.47
N GLU G 86 -4.81 -27.84 -11.64
CA GLU G 86 -3.92 -28.53 -12.55
C GLU G 86 -2.51 -28.76 -11.99
N LEU G 87 -1.99 -27.76 -11.29
CA LEU G 87 -0.67 -27.87 -10.68
C LEU G 87 -0.72 -28.59 -9.33
N ALA G 88 -1.81 -28.43 -8.60
CA ALA G 88 -2.00 -29.13 -7.33
C ALA G 88 -2.11 -30.63 -7.53
N GLY G 89 -2.89 -31.06 -8.52
CA GLY G 89 -3.01 -32.48 -8.81
C GLY G 89 -1.74 -33.06 -9.37
N ASN G 90 -0.97 -32.27 -10.12
CA ASN G 90 0.32 -32.75 -10.57
C ASN G 90 1.28 -32.90 -9.40
N ALA G 91 1.19 -32.02 -8.40
CA ALA G 91 2.01 -32.18 -7.20
C ALA G 91 1.55 -33.36 -6.37
N ALA G 92 0.24 -33.62 -6.33
CA ALA G 92 -0.30 -34.69 -5.50
C ALA G 92 -0.03 -36.06 -6.11
N ARG G 93 -0.21 -36.19 -7.43
CA ARG G 93 0.20 -37.39 -8.14
C ARG G 93 1.71 -37.54 -8.13
N ASP G 94 2.43 -36.42 -8.06
CA ASP G 94 3.88 -36.45 -7.99
C ASP G 94 4.37 -37.04 -6.67
N ASN G 95 3.56 -36.97 -5.63
CA ASN G 95 3.81 -37.67 -4.38
C ASN G 95 2.95 -38.92 -4.24
N LYS G 96 2.38 -39.38 -5.35
CA LYS G 96 1.76 -40.71 -5.49
C LYS G 96 0.53 -40.88 -4.62
N LYS G 97 -0.18 -39.79 -4.36
CA LYS G 97 -1.43 -39.84 -3.60
C LYS G 97 -2.54 -39.21 -4.42
N THR G 98 -3.74 -39.76 -4.30
CA THR G 98 -4.87 -39.32 -5.11
C THR G 98 -5.82 -38.40 -4.34
N ARG G 99 -5.49 -38.06 -3.10
CA ARG G 99 -6.21 -37.05 -2.34
C ARG G 99 -5.41 -35.75 -2.33
N ILE G 100 -6.11 -34.64 -2.47
CA ILE G 100 -5.44 -33.34 -2.50
C ILE G 100 -5.19 -32.90 -1.06
N ILE G 101 -3.93 -32.61 -0.76
CA ILE G 101 -3.47 -32.27 0.58
C ILE G 101 -3.10 -30.79 0.55
N PRO G 102 -3.36 -30.01 1.60
CA PRO G 102 -2.87 -28.62 1.65
C PRO G 102 -1.37 -28.48 1.58
N ARG G 103 -0.61 -29.54 1.89
CA ARG G 103 0.81 -29.53 1.59
C ARG G 103 1.07 -29.42 0.09
N HIS G 104 0.30 -30.17 -0.71
CA HIS G 104 0.43 -30.06 -2.16
C HIS G 104 0.03 -28.67 -2.65
N LEU G 105 -0.95 -28.06 -1.99
CA LEU G 105 -1.34 -26.70 -2.32
C LEU G 105 -0.21 -25.72 -2.02
N GLN G 106 0.46 -25.90 -0.87
CA GLN G 106 1.57 -25.04 -0.52
C GLN G 106 2.71 -25.14 -1.53
N LEU G 107 3.09 -26.36 -1.93
CA LEU G 107 4.15 -26.47 -2.93
C LEU G 107 3.70 -25.96 -4.29
N ALA G 108 2.41 -26.08 -4.62
CA ALA G 108 1.95 -25.55 -5.89
C ALA G 108 1.99 -24.03 -5.92
N ILE G 109 1.57 -23.37 -4.84
CA ILE G 109 1.55 -21.91 -4.86
C ILE G 109 2.88 -21.28 -4.49
N ARG G 110 3.82 -22.04 -3.93
CA ARG G 110 5.14 -21.49 -3.62
C ARG G 110 6.21 -21.88 -4.62
N ASN G 111 6.05 -23.01 -5.32
CA ASN G 111 7.06 -23.43 -6.28
C ASN G 111 6.96 -22.62 -7.55
N ASP G 112 5.74 -22.42 -8.07
CA ASP G 112 5.58 -21.60 -9.26
C ASP G 112 5.61 -20.13 -8.86
N GLU G 113 6.46 -19.34 -9.52
CA GLU G 113 6.60 -17.92 -9.21
C GLU G 113 5.65 -16.99 -9.97
N GLU G 114 4.96 -17.52 -10.97
CA GLU G 114 4.05 -16.71 -11.78
C GLU G 114 2.89 -16.13 -10.97
N LEU G 115 2.35 -16.95 -10.07
CA LEU G 115 1.23 -16.59 -9.23
C LEU G 115 1.59 -16.42 -7.76
N ASN G 116 2.83 -16.71 -7.38
CA ASN G 116 3.29 -16.49 -6.01
C ASN G 116 3.24 -15.01 -5.65
N LYS G 117 3.49 -14.14 -6.63
CA LYS G 117 3.41 -12.70 -6.40
C LYS G 117 1.99 -12.24 -6.08
N LEU G 118 0.97 -12.96 -6.55
CA LEU G 118 -0.37 -12.66 -6.08
C LEU G 118 -0.56 -13.12 -4.64
N LEU G 119 0.11 -14.20 -4.24
CA LEU G 119 -0.14 -14.83 -2.96
C LEU G 119 1.06 -14.70 -2.03
N GLY G 120 1.64 -13.50 -1.99
CA GLY G 120 2.77 -13.27 -1.11
C GLY G 120 2.36 -13.18 0.35
N ARG G 121 1.30 -12.43 0.63
CA ARG G 121 0.89 -12.15 2.00
C ARG G 121 -0.14 -13.13 2.52
N VAL G 122 -0.37 -14.24 1.81
CA VAL G 122 -1.38 -15.21 2.16
C VAL G 122 -0.70 -16.54 2.44
N THR G 123 -0.98 -17.13 3.60
CA THR G 123 -0.37 -18.37 4.01
C THR G 123 -1.41 -19.47 4.18
N ILE G 124 -1.10 -20.64 3.66
CA ILE G 124 -2.00 -21.78 3.71
C ILE G 124 -1.95 -22.41 5.09
N ALA G 125 -3.11 -22.57 5.71
CA ALA G 125 -3.19 -23.30 6.97
C ALA G 125 -2.91 -24.78 6.72
N GLN G 126 -2.12 -25.38 7.63
CA GLN G 126 -1.71 -26.78 7.60
C GLN G 126 -1.01 -27.14 6.29
N GLY G 127 -0.20 -26.21 5.79
CA GLY G 127 0.47 -26.40 4.52
C GLY G 127 1.99 -26.45 4.65
N GLY G 128 2.51 -26.03 5.80
CA GLY G 128 3.94 -26.06 6.04
C GLY G 128 4.72 -25.04 5.22
N VAL G 129 6.03 -25.28 5.17
CA VAL G 129 6.96 -24.44 4.42
C VAL G 129 7.60 -25.32 3.36
N LEU G 130 7.75 -24.79 2.14
CA LEU G 130 8.35 -25.57 1.06
C LEU G 130 9.78 -25.94 1.45
N PRO G 131 10.19 -27.18 1.11
CA PRO G 131 11.54 -27.58 1.51
C PRO G 131 12.61 -26.71 0.88
N ASN G 132 13.54 -26.27 1.71
CA ASN G 132 14.65 -25.44 1.27
C ASN G 132 15.80 -25.55 2.25
N ILE G 133 17.00 -25.18 1.81
CA ILE G 133 18.16 -25.23 2.69
C ILE G 133 19.19 -24.23 2.16
N GLN G 134 19.94 -23.63 3.08
CA GLN G 134 20.94 -22.65 2.71
C GLN G 134 22.12 -23.37 2.09
N ALA G 135 22.66 -22.79 1.01
CA ALA G 135 23.72 -23.49 0.29
C ALA G 135 25.03 -23.50 1.06
N VAL G 136 25.20 -22.61 2.03
CA VAL G 136 26.44 -22.59 2.79
C VAL G 136 26.40 -23.59 3.95
N LEU G 137 25.21 -23.95 4.43
CA LEU G 137 25.10 -24.83 5.59
C LEU G 137 25.26 -26.31 5.28
N LEU G 138 25.54 -26.69 4.04
CA LEU G 138 26.09 -28.02 3.80
C LEU G 138 27.47 -28.12 4.43
N PRO G 139 27.83 -29.26 5.00
CA PRO G 139 29.18 -29.41 5.56
C PRO G 139 30.23 -29.50 4.46
N LYS G 140 31.48 -29.28 4.87
CA LYS G 140 32.61 -29.25 3.96
C LYS G 140 32.95 -30.64 3.46
N LYS H 31 -35.98 -21.15 8.90
CA LYS H 31 -35.42 -21.86 10.05
C LYS H 31 -33.89 -21.76 10.06
N ARG H 32 -33.25 -22.92 10.00
CA ARG H 32 -31.82 -23.07 10.27
C ARG H 32 -30.97 -22.29 9.26
N SER H 33 -29.84 -21.79 9.72
CA SER H 33 -28.90 -21.06 8.87
C SER H 33 -28.31 -22.00 7.83
N ARG H 34 -28.51 -21.67 6.56
CA ARG H 34 -27.94 -22.39 5.42
C ARG H 34 -26.65 -21.71 4.96
N LYS H 35 -25.52 -22.39 5.14
CA LYS H 35 -24.20 -21.82 4.91
C LYS H 35 -23.70 -22.41 3.61
N GLU H 36 -23.57 -21.57 2.59
CA GLU H 36 -23.27 -22.00 1.25
C GLU H 36 -21.78 -21.85 0.92
N SER H 37 -21.37 -22.57 -0.11
CA SER H 37 -20.02 -22.44 -0.66
C SER H 37 -20.08 -22.74 -2.15
N TYR H 38 -18.91 -22.93 -2.76
CA TYR H 38 -18.79 -23.21 -4.19
C TYR H 38 -18.36 -24.64 -4.43
N SER H 39 -18.51 -25.51 -3.42
CA SER H 39 -17.76 -26.76 -3.33
C SER H 39 -18.12 -27.73 -4.44
N VAL H 40 -19.37 -27.74 -4.89
CA VAL H 40 -19.77 -28.61 -5.98
C VAL H 40 -19.09 -28.17 -7.27
N TYR H 41 -18.88 -26.87 -7.45
CA TYR H 41 -18.20 -26.39 -8.64
C TYR H 41 -16.70 -26.65 -8.56
N VAL H 42 -16.14 -26.66 -7.34
CA VAL H 42 -14.77 -27.10 -7.14
C VAL H 42 -14.61 -28.55 -7.57
N TYR H 43 -15.57 -29.39 -7.16
CA TYR H 43 -15.57 -30.80 -7.54
C TYR H 43 -15.71 -30.95 -9.05
N LYS H 44 -16.55 -30.11 -9.65
CA LYS H 44 -16.83 -30.19 -11.08
C LYS H 44 -15.61 -29.79 -11.90
N VAL H 45 -14.95 -28.70 -11.52
CA VAL H 45 -13.74 -28.32 -12.24
C VAL H 45 -12.60 -29.29 -11.94
N LEU H 46 -12.65 -29.98 -10.79
CA LEU H 46 -11.63 -30.96 -10.46
C LEU H 46 -11.70 -32.15 -11.38
N LYS H 47 -12.88 -32.77 -11.47
CA LYS H 47 -13.02 -33.85 -12.43
C LYS H 47 -13.17 -33.38 -13.87
N GLN H 48 -13.25 -32.07 -14.11
CA GLN H 48 -12.98 -31.54 -15.43
C GLN H 48 -11.50 -31.68 -15.80
N VAL H 49 -10.60 -31.10 -15.00
CA VAL H 49 -9.19 -31.13 -15.36
C VAL H 49 -8.58 -32.49 -15.09
N HIS H 50 -8.97 -33.15 -13.99
CA HIS H 50 -8.36 -34.41 -13.57
C HIS H 50 -9.48 -35.35 -13.14
N PRO H 51 -9.89 -36.26 -14.01
CA PRO H 51 -11.01 -37.16 -13.69
C PRO H 51 -10.65 -38.31 -12.76
N ASP H 52 -9.50 -38.27 -12.09
CA ASP H 52 -8.98 -39.37 -11.30
C ASP H 52 -8.85 -39.06 -9.82
N THR H 53 -8.47 -37.84 -9.45
CA THR H 53 -8.05 -37.59 -8.08
C THR H 53 -9.19 -37.10 -7.19
N GLY H 54 -9.03 -37.35 -5.90
CA GLY H 54 -9.93 -36.83 -4.88
C GLY H 54 -9.31 -35.69 -4.11
N ILE H 55 -10.07 -35.21 -3.12
CA ILE H 55 -9.70 -34.01 -2.39
C ILE H 55 -10.33 -34.09 -1.00
N SER H 56 -9.57 -33.69 0.00
CA SER H 56 -10.08 -33.67 1.36
C SER H 56 -11.04 -32.51 1.57
N SER H 57 -11.70 -32.52 2.72
CA SER H 57 -12.54 -31.40 3.12
C SER H 57 -11.70 -30.17 3.46
N LYS H 58 -10.44 -30.37 3.82
CA LYS H 58 -9.53 -29.27 4.13
C LYS H 58 -9.35 -28.38 2.91
N ALA H 59 -8.89 -28.97 1.81
CA ALA H 59 -8.61 -28.22 0.60
C ALA H 59 -9.86 -27.68 -0.06
N MET H 60 -11.02 -28.28 0.21
CA MET H 60 -12.26 -27.74 -0.32
C MET H 60 -12.59 -26.40 0.32
N GLY H 61 -12.42 -26.31 1.64
CA GLY H 61 -12.60 -25.03 2.31
C GLY H 61 -11.54 -24.00 1.96
N ILE H 62 -10.29 -24.48 1.75
CA ILE H 62 -9.23 -23.61 1.25
C ILE H 62 -9.62 -23.00 -0.09
N MET H 63 -10.06 -23.85 -1.01
CA MET H 63 -10.46 -23.39 -2.34
C MET H 63 -11.66 -22.45 -2.27
N ASN H 64 -12.56 -22.67 -1.32
CA ASN H 64 -13.71 -21.78 -1.18
C ASN H 64 -13.28 -20.39 -0.71
N SER H 65 -12.37 -20.33 0.27
CA SER H 65 -11.85 -19.04 0.70
C SER H 65 -11.02 -18.38 -0.40
N PHE H 66 -10.34 -19.19 -1.21
CA PHE H 66 -9.62 -18.71 -2.39
C PHE H 66 -10.54 -17.98 -3.35
N VAL H 67 -11.69 -18.61 -3.68
CA VAL H 67 -12.59 -18.04 -4.66
C VAL H 67 -13.26 -16.77 -4.12
N ASN H 68 -13.63 -16.78 -2.84
CA ASN H 68 -14.34 -15.59 -2.37
C ASN H 68 -13.38 -14.44 -2.10
N ASP H 69 -12.12 -14.73 -1.75
CA ASP H 69 -11.15 -13.66 -1.55
C ASP H 69 -10.78 -13.02 -2.89
N ILE H 70 -10.57 -13.83 -3.93
CA ILE H 70 -10.25 -13.25 -5.22
C ILE H 70 -11.44 -12.48 -5.79
N PHE H 71 -12.66 -12.97 -5.56
CA PHE H 71 -13.85 -12.24 -5.98
C PHE H 71 -14.00 -10.92 -5.24
N GLU H 72 -13.72 -10.90 -3.93
CA GLU H 72 -13.78 -9.67 -3.15
C GLU H 72 -12.80 -8.64 -3.67
N ARG H 73 -11.55 -9.05 -3.90
CA ARG H 73 -10.53 -8.11 -4.35
C ARG H 73 -10.86 -7.57 -5.74
N ILE H 74 -11.36 -8.43 -6.63
CA ILE H 74 -11.65 -8.01 -7.99
C ILE H 74 -12.84 -7.07 -8.02
N ALA H 75 -13.90 -7.38 -7.25
CA ALA H 75 -15.08 -6.53 -7.24
C ALA H 75 -14.80 -5.18 -6.57
N GLY H 76 -13.96 -5.17 -5.54
CA GLY H 76 -13.61 -3.91 -4.90
C GLY H 76 -12.76 -3.02 -5.80
N GLU H 77 -11.83 -3.63 -6.54
CA GLU H 77 -11.04 -2.86 -7.50
C GLU H 77 -11.91 -2.30 -8.61
N ALA H 78 -12.87 -3.09 -9.11
CA ALA H 78 -13.78 -2.60 -10.12
C ALA H 78 -14.69 -1.50 -9.56
N SER H 79 -15.01 -1.57 -8.28
CA SER H 79 -15.82 -0.55 -7.63
C SER H 79 -15.08 0.78 -7.60
N ARG H 80 -13.83 0.78 -7.15
CA ARG H 80 -13.10 2.06 -7.09
C ARG H 80 -12.75 2.58 -8.48
N LEU H 81 -12.63 1.69 -9.47
CA LEU H 81 -12.41 2.15 -10.84
C LEU H 81 -13.67 2.80 -11.40
N ALA H 82 -14.84 2.24 -11.09
CA ALA H 82 -16.07 2.90 -11.50
C ALA H 82 -16.25 4.23 -10.78
N HIS H 83 -15.79 4.33 -9.53
CA HIS H 83 -15.93 5.60 -8.81
C HIS H 83 -14.99 6.66 -9.36
N TYR H 84 -13.81 6.27 -9.84
CA TYR H 84 -12.91 7.28 -10.39
C TYR H 84 -13.37 7.78 -11.74
N ASN H 85 -13.88 6.91 -12.60
CA ASN H 85 -14.27 7.31 -13.94
C ASN H 85 -15.68 7.86 -14.02
N LYS H 86 -16.28 8.17 -12.87
CA LYS H 86 -17.57 8.87 -12.75
C LYS H 86 -18.71 8.09 -13.40
N ARG H 87 -18.57 6.77 -13.46
CA ARG H 87 -19.58 5.90 -14.03
C ARG H 87 -20.25 5.08 -12.95
N SER H 88 -21.58 5.01 -12.99
CA SER H 88 -22.39 4.45 -11.92
C SER H 88 -22.54 2.95 -12.01
N THR H 89 -21.96 2.32 -13.03
CA THR H 89 -22.10 0.89 -13.26
C THR H 89 -20.75 0.16 -13.27
N ILE H 90 -20.85 -1.17 -13.29
CA ILE H 90 -19.72 -2.05 -13.55
C ILE H 90 -20.03 -2.82 -14.81
N THR H 91 -19.12 -2.77 -15.77
CA THR H 91 -19.29 -3.51 -17.01
C THR H 91 -18.15 -4.49 -17.18
N SER H 92 -18.10 -5.12 -18.36
CA SER H 92 -17.03 -6.05 -18.67
C SER H 92 -15.71 -5.32 -18.81
N ARG H 93 -15.75 -4.06 -19.25
CA ARG H 93 -14.53 -3.27 -19.39
C ARG H 93 -13.92 -2.98 -18.02
N GLU H 94 -14.77 -2.71 -17.03
CA GLU H 94 -14.29 -2.38 -15.70
C GLU H 94 -13.61 -3.55 -15.04
N ILE H 95 -14.21 -4.73 -15.14
CA ILE H 95 -13.59 -5.92 -14.55
C ILE H 95 -12.39 -6.36 -15.39
N GLN H 96 -12.38 -6.04 -16.69
CA GLN H 96 -11.21 -6.32 -17.50
C GLN H 96 -10.02 -5.47 -17.09
N THR H 97 -10.28 -4.19 -16.80
CA THR H 97 -9.25 -3.34 -16.24
C THR H 97 -8.82 -3.84 -14.86
N ALA H 98 -9.77 -4.36 -14.08
CA ALA H 98 -9.45 -4.83 -12.74
C ALA H 98 -8.53 -6.05 -12.77
N VAL H 99 -8.81 -7.02 -13.64
CA VAL H 99 -7.92 -8.18 -13.73
C VAL H 99 -6.64 -7.84 -14.47
N ARG H 100 -6.64 -6.79 -15.29
CA ARG H 100 -5.38 -6.29 -15.82
C ARG H 100 -4.53 -5.68 -14.72
N LEU H 101 -5.17 -5.07 -13.73
CA LEU H 101 -4.45 -4.44 -12.62
C LEU H 101 -3.92 -5.46 -11.65
N LEU H 102 -4.76 -6.38 -11.18
CA LEU H 102 -4.36 -7.22 -10.07
C LEU H 102 -3.44 -8.36 -10.52
N LEU H 103 -3.80 -9.06 -11.57
CA LEU H 103 -3.10 -10.28 -11.96
C LEU H 103 -1.74 -9.95 -12.56
N PRO H 104 -0.64 -10.41 -11.96
CA PRO H 104 0.69 -10.02 -12.45
C PRO H 104 1.13 -10.92 -13.60
N GLY H 105 1.42 -10.31 -14.74
CA GLY H 105 2.06 -11.02 -15.82
C GLY H 105 1.16 -11.78 -16.77
N GLU H 106 1.73 -12.85 -17.36
CA GLU H 106 1.06 -13.74 -18.31
C GLU H 106 -0.30 -14.28 -17.86
N LEU H 107 -0.53 -14.39 -16.55
CA LEU H 107 -1.84 -14.81 -16.06
C LEU H 107 -2.93 -13.82 -16.47
N ALA H 108 -2.61 -12.52 -16.42
CA ALA H 108 -3.56 -11.50 -16.86
C ALA H 108 -3.86 -11.62 -18.34
N LYS H 109 -2.84 -11.91 -19.16
CA LYS H 109 -3.03 -12.01 -20.60
C LYS H 109 -3.89 -13.22 -20.95
N HIS H 110 -3.59 -14.36 -20.32
CA HIS H 110 -4.42 -15.55 -20.44
C HIS H 110 -5.86 -15.26 -20.04
N ALA H 111 -6.02 -14.53 -18.92
CA ALA H 111 -7.33 -14.24 -18.38
C ALA H 111 -8.14 -13.32 -19.29
N VAL H 112 -7.50 -12.30 -19.87
CA VAL H 112 -8.28 -11.39 -20.72
C VAL H 112 -8.65 -12.08 -22.02
N SER H 113 -7.77 -12.96 -22.54
CA SER H 113 -8.08 -13.69 -23.77
C SER H 113 -9.30 -14.59 -23.58
N GLU H 114 -9.30 -15.39 -22.51
CA GLU H 114 -10.44 -16.28 -22.30
C GLU H 114 -11.67 -15.51 -21.84
N GLY H 115 -11.51 -14.34 -21.22
CA GLY H 115 -12.66 -13.58 -20.79
C GLY H 115 -13.40 -13.02 -21.97
N THR H 116 -12.66 -12.47 -22.95
CA THR H 116 -13.28 -12.05 -24.19
C THR H 116 -13.90 -13.22 -24.94
N LYS H 117 -13.24 -14.39 -24.89
CA LYS H 117 -13.84 -15.62 -25.42
C LYS H 117 -15.18 -15.93 -24.76
N ALA H 118 -15.24 -15.78 -23.43
CA ALA H 118 -16.43 -16.15 -22.68
C ALA H 118 -17.59 -15.19 -22.95
N VAL H 119 -17.32 -13.89 -23.02
CA VAL H 119 -18.43 -13.01 -23.35
C VAL H 119 -18.80 -13.05 -24.83
N THR H 120 -17.92 -13.50 -25.73
CA THR H 120 -18.40 -13.75 -27.08
C THR H 120 -19.29 -14.97 -27.14
N LYS H 121 -18.97 -15.99 -26.33
CA LYS H 121 -19.88 -17.13 -26.18
C LYS H 121 -21.23 -16.70 -25.60
N TYR H 122 -21.20 -15.80 -24.61
CA TYR H 122 -22.43 -15.40 -23.93
C TYR H 122 -23.28 -14.50 -24.82
N THR H 123 -22.64 -13.64 -25.60
CA THR H 123 -23.36 -12.73 -26.48
C THR H 123 -23.76 -13.37 -27.78
N SER H 124 -23.17 -14.52 -28.14
CA SER H 124 -23.55 -15.20 -29.37
C SER H 124 -24.96 -15.77 -29.27
N ALA H 125 -25.39 -16.20 -28.09
CA ALA H 125 -26.74 -16.70 -27.90
C ALA H 125 -27.68 -15.55 -27.55
N SER K 17 21.78 20.88 -36.86
CA SER K 17 21.25 19.57 -36.49
C SER K 17 20.04 19.23 -37.36
N GLY K 18 19.52 20.23 -38.08
CA GLY K 18 18.40 20.05 -38.96
C GLY K 18 17.07 20.48 -38.39
N HIS K 19 17.00 20.71 -37.07
CA HIS K 19 15.77 21.15 -36.45
C HIS K 19 15.50 22.62 -36.79
N ILE K 20 14.24 22.90 -37.13
CA ILE K 20 13.84 24.24 -37.54
C ILE K 20 13.21 24.94 -36.34
N LYS K 21 13.81 26.07 -35.96
CA LYS K 21 13.42 26.77 -34.75
C LYS K 21 12.15 27.57 -34.95
N ARG K 22 11.50 27.88 -33.84
CA ARG K 22 10.30 28.71 -33.83
C ARG K 22 10.61 30.17 -34.17
N PRO K 23 9.69 30.86 -34.86
CA PRO K 23 9.83 32.31 -35.02
C PRO K 23 9.74 33.03 -33.69
N MET K 24 10.52 34.09 -33.53
CA MET K 24 10.46 34.91 -32.33
C MET K 24 9.14 35.67 -32.27
N ASN K 25 8.47 35.58 -31.12
CA ASN K 25 7.27 36.36 -30.86
C ASN K 25 7.66 37.79 -30.51
N ALA K 26 6.64 38.62 -30.22
CA ALA K 26 6.87 40.03 -29.92
C ALA K 26 7.73 40.21 -28.67
N PHE K 27 7.50 39.36 -27.67
CA PHE K 27 8.29 39.43 -26.45
C PHE K 27 9.74 39.15 -26.80
N MET K 28 9.96 38.18 -27.67
CA MET K 28 11.30 37.81 -28.11
C MET K 28 11.96 38.96 -28.87
N VAL K 29 11.18 39.65 -29.70
CA VAL K 29 11.69 40.77 -30.48
C VAL K 29 12.17 41.89 -29.56
N TRP K 30 11.41 42.15 -28.52
CA TRP K 30 11.76 43.18 -27.54
C TRP K 30 12.81 42.70 -26.53
N SER K 31 12.68 41.44 -26.10
CA SER K 31 13.55 40.87 -25.08
C SER K 31 14.99 40.72 -25.55
N LYS K 32 15.19 40.33 -26.82
CA LYS K 32 16.54 40.17 -27.36
C LYS K 32 17.34 41.47 -27.27
N ILE K 33 16.77 42.56 -27.81
CA ILE K 33 17.45 43.85 -27.81
C ILE K 33 17.61 44.36 -26.39
N GLU K 34 16.55 44.26 -25.57
CA GLU K 34 16.62 44.81 -24.22
C GLU K 34 17.57 44.00 -23.33
N ARG K 35 17.62 42.68 -23.49
CA ARG K 35 18.59 41.87 -22.77
C ARG K 35 20.01 42.23 -23.16
N ARG K 36 20.24 42.49 -24.46
CA ARG K 36 21.56 42.96 -24.89
C ARG K 36 21.88 44.32 -24.28
N LYS K 37 20.87 45.18 -24.19
CA LYS K 37 21.06 46.50 -23.57
C LYS K 37 21.43 46.37 -22.10
N ILE K 38 20.69 45.55 -21.35
CA ILE K 38 20.97 45.36 -19.92
C ILE K 38 22.34 44.73 -19.67
N MET K 39 22.74 43.74 -20.50
CA MET K 39 24.08 43.17 -20.32
C MET K 39 25.17 44.20 -20.61
N GLU K 40 24.99 45.02 -21.66
CA GLU K 40 25.98 46.05 -21.97
C GLU K 40 26.03 47.12 -20.89
N GLN K 41 24.87 47.59 -20.43
CA GLN K 41 24.83 48.67 -19.46
C GLN K 41 25.14 48.21 -18.04
N SER K 42 24.60 47.07 -17.61
CA SER K 42 24.75 46.59 -16.22
C SER K 42 25.36 45.19 -16.20
N PRO K 43 26.68 45.06 -16.37
CA PRO K 43 27.29 43.73 -16.29
C PRO K 43 27.30 43.13 -14.89
N ASP K 44 27.92 41.94 -14.80
CA ASP K 44 28.05 41.10 -13.60
C ASP K 44 26.73 40.92 -12.84
N MET K 45 25.66 40.72 -13.61
CA MET K 45 24.30 40.55 -13.11
C MET K 45 23.75 39.28 -13.75
N HIS K 46 23.20 38.38 -12.92
CA HIS K 46 22.86 37.05 -13.40
C HIS K 46 21.69 37.11 -14.37
N ASN K 47 21.73 36.23 -15.37
CA ASN K 47 20.80 36.29 -16.50
C ASN K 47 19.36 35.95 -16.12
N ALA K 48 19.18 35.08 -15.14
CA ALA K 48 17.82 34.70 -14.70
C ALA K 48 17.07 35.90 -14.14
N GLU K 49 17.72 36.68 -13.27
CA GLU K 49 17.14 37.90 -12.74
C GLU K 49 16.81 38.89 -13.86
N ILE K 50 17.70 38.98 -14.86
CA ILE K 50 17.47 39.85 -16.01
C ILE K 50 16.22 39.42 -16.77
N SER K 51 16.02 38.10 -16.93
CA SER K 51 14.83 37.61 -17.62
C SER K 51 13.57 37.89 -16.82
N LYS K 52 13.64 37.72 -15.49
CA LYS K 52 12.51 38.04 -14.63
C LYS K 52 12.12 39.51 -14.74
N ARG K 53 13.12 40.40 -14.69
CA ARG K 53 12.86 41.82 -14.78
C ARG K 53 12.34 42.21 -16.17
N LEU K 54 12.86 41.58 -17.24
CA LEU K 54 12.34 41.84 -18.58
C LEU K 54 10.88 41.41 -18.69
N GLY K 55 10.53 40.28 -18.08
CA GLY K 55 9.14 39.85 -18.05
C GLY K 55 8.26 40.85 -17.32
N LYS K 56 8.73 41.31 -16.15
CA LYS K 56 8.01 42.33 -15.38
C LYS K 56 7.82 43.61 -16.19
N ARG K 57 8.90 44.08 -16.85
CA ARG K 57 8.85 45.28 -17.67
C ARG K 57 7.85 45.15 -18.80
N TRP K 58 7.89 44.02 -19.51
CA TRP K 58 6.96 43.78 -20.61
C TRP K 58 5.52 43.77 -20.11
N LYS K 59 5.28 43.17 -18.93
CA LYS K 59 3.94 43.23 -18.34
C LYS K 59 3.55 44.65 -17.96
N MET K 60 4.51 45.48 -17.56
CA MET K 60 4.21 46.87 -17.24
C MET K 60 4.05 47.74 -18.47
N LEU K 61 4.63 47.34 -19.60
CA LEU K 61 4.63 48.16 -20.81
C LEU K 61 3.20 48.37 -21.30
N LYS K 62 2.89 49.61 -21.69
CA LYS K 62 1.61 49.90 -22.31
C LYS K 62 1.48 49.22 -23.68
N ASP K 63 0.23 48.89 -24.02
CA ASP K 63 -0.11 48.25 -25.28
C ASP K 63 0.34 49.07 -26.48
N SER K 64 0.13 50.39 -26.41
CA SER K 64 0.51 51.31 -27.48
C SER K 64 2.01 51.29 -27.73
N GLU K 65 2.80 51.25 -26.67
CA GLU K 65 4.26 51.16 -26.78
C GLU K 65 4.74 49.91 -27.50
N LYS K 66 3.95 48.83 -27.53
CA LYS K 66 4.33 47.56 -28.11
C LYS K 66 3.98 47.33 -29.58
N ILE K 67 3.41 48.30 -30.32
CA ILE K 67 3.04 48.05 -31.73
C ILE K 67 4.21 47.68 -32.65
N PRO K 68 5.42 48.30 -32.59
CA PRO K 68 6.49 47.88 -33.52
C PRO K 68 6.92 46.43 -33.32
N PHE K 69 7.00 45.97 -32.09
CA PHE K 69 7.41 44.60 -31.80
C PHE K 69 6.34 43.61 -32.26
N ILE K 70 5.06 43.90 -31.98
CA ILE K 70 3.94 43.07 -32.47
C ILE K 70 4.01 42.91 -33.99
N ARG K 71 4.02 44.03 -34.71
CA ARG K 71 4.12 44.02 -36.18
C ARG K 71 5.37 43.28 -36.66
N GLU K 72 6.50 43.53 -36.00
CA GLU K 72 7.77 42.86 -36.32
C GLU K 72 7.65 41.35 -36.20
N ALA K 73 7.06 40.89 -35.09
CA ALA K 73 6.79 39.47 -34.86
C ALA K 73 5.94 38.90 -35.99
N GLU K 74 4.86 39.61 -36.35
CA GLU K 74 3.99 39.17 -37.45
C GLU K 74 4.77 39.06 -38.76
N ARG K 75 5.63 40.05 -39.05
CA ARG K 75 6.43 40.02 -40.28
C ARG K 75 7.38 38.82 -40.27
N LEU K 76 7.99 38.55 -39.10
CA LEU K 76 8.89 37.39 -38.97
C LEU K 76 8.12 36.10 -39.20
N ARG K 77 6.88 36.04 -38.69
CA ARG K 77 6.03 34.87 -38.88
C ARG K 77 5.73 34.66 -40.36
N LEU K 78 5.46 35.75 -41.08
CA LEU K 78 5.20 35.65 -42.51
C LEU K 78 6.42 35.15 -43.27
N LYS K 79 7.59 35.73 -42.96
CA LYS K 79 8.84 35.30 -43.58
C LYS K 79 9.14 33.84 -43.27
N HIS K 80 8.89 33.41 -42.03
CA HIS K 80 9.09 32.02 -41.63
C HIS K 80 8.21 31.10 -42.46
N MET K 81 6.93 31.46 -42.61
CA MET K 81 6.01 30.68 -43.42
C MET K 81 6.46 30.62 -44.87
N ALA K 82 7.02 31.72 -45.39
CA ALA K 82 7.48 31.73 -46.77
C ALA K 82 8.75 30.90 -46.94
N ASP K 83 9.62 30.88 -45.92
CA ASP K 83 10.90 30.21 -45.97
C ASP K 83 10.79 28.74 -45.60
N TYR K 84 9.83 28.39 -44.76
CA TYR K 84 9.68 27.03 -44.22
C TYR K 84 8.21 26.66 -44.30
N PRO K 85 7.73 26.33 -45.50
CA PRO K 85 6.29 26.04 -45.67
C PRO K 85 5.83 24.76 -45.01
N ASP K 86 6.71 23.78 -44.78
CA ASP K 86 6.31 22.55 -44.12
C ASP K 86 6.47 22.61 -42.61
N TYR K 87 6.40 23.80 -42.03
CA TYR K 87 6.67 23.97 -40.60
C TYR K 87 5.32 24.07 -39.91
N LYS K 88 3.25 21.47 -41.49
CA LYS K 88 2.72 21.63 -40.15
C LYS K 88 3.80 21.20 -39.16
N TYR K 89 3.91 21.93 -38.05
CA TYR K 89 4.94 21.64 -37.06
C TYR K 89 4.66 20.33 -36.35
N ARG K 90 5.65 19.45 -36.32
CA ARG K 90 5.58 18.14 -35.66
C ARG K 90 6.82 17.93 -34.81
N PRO K 91 6.81 18.35 -33.55
CA PRO K 91 7.98 18.08 -32.70
C PRO K 91 8.07 16.61 -32.31
N ARG K 92 9.30 16.10 -32.39
CA ARG K 92 9.66 14.72 -32.06
C ARG K 92 10.92 14.68 -31.22
N LYS K 93 10.99 13.69 -30.34
CA LYS K 93 12.12 13.51 -29.45
C LYS K 93 13.38 13.08 -30.20
#